data_4K8T
#
_entry.id   4K8T
#
_cell.length_a   51.326
_cell.length_b   80.981
_cell.length_c   82.793
_cell.angle_alpha   90.000
_cell.angle_beta   98.250
_cell.angle_gamma   90.000
#
_symmetry.space_group_name_H-M   'P 1 21 1'
#
loop_
_entity.id
_entity.type
_entity.pdbx_description
1 polymer 'sugar kinase'
2 non-polymer ADENOSINE
3 non-polymer 'ethyl 3,4-diaminobenzoate'
4 non-polymer 'DIMETHYL SULFOXIDE'
5 non-polymer 'POTASSIUM ION'
6 water water
#
_entity_poly.entity_id   1
_entity_poly.type   'polypeptide(L)'
_entity_poly.pdbx_seq_one_letter_code
;(MSE)HHHHHHSSGVDLGTENLYFQS(MSE)TRFDVLTVGNAIVDIISRCNDQFLIDNQITKAA(MSE)NLIDAERAELL
YSR(MSE)GPALEASGGSAGNTAAGVANLGGKAAYFGNVAADQLGDIFTHDIRAQGVHYQTKPKGAFPPTARS(MSE)IF
VTEDGERS(MSE)NTYLGACVELGPEDVEADVVADAKVTYFEGYLWDPPRAKEAILDCARIAHQHGRE(MSE)S(MSE)T
LSDSFCVDRYRGEFLDL(MSE)RSGKVDIVFANRQEALSLYQTDDFEEALNRIAADCKIAAVT(MSE)SENGAVILKGRE
RYYVNAIRIREVVDTTGAGDLFASGFLYGYTQGRSLEDCGKLGCLAAGIVIQQIGPRP(MSE)TSLSEAAKQAGLI
;
_entity_poly.pdbx_strand_id   A,B
#
loop_
_chem_comp.id
_chem_comp.type
_chem_comp.name
_chem_comp.formula
ADN non-polymer ADENOSINE 'C10 H13 N5 O4'
DMS non-polymer 'DIMETHYL SULFOXIDE' 'C2 H6 O S'
E34 non-polymer 'ethyl 3,4-diaminobenzoate' 'C9 H12 N2 O2'
K non-polymer 'POTASSIUM ION' 'K 1'
#
# COMPACT_ATOMS: atom_id res chain seq x y z
N MSE A 23 -22.10 31.12 -6.79
CA MSE A 23 -21.17 30.08 -6.25
C MSE A 23 -21.48 28.72 -6.83
O MSE A 23 -22.64 28.37 -7.09
CB MSE A 23 -21.19 30.06 -4.72
CG MSE A 23 -22.57 30.34 -4.15
SE MSE A 23 -22.68 29.50 -2.36
CE MSE A 23 -24.64 29.24 -2.36
N THR A 24 -20.40 27.95 -7.04
CA THR A 24 -20.53 26.63 -7.66
C THR A 24 -20.00 25.51 -6.76
N ARG A 25 -20.55 24.32 -6.99
CA ARG A 25 -20.24 23.13 -6.21
C ARG A 25 -18.78 22.74 -6.26
N PHE A 26 -18.14 22.98 -7.41
CA PHE A 26 -16.80 22.45 -7.63
C PHE A 26 -15.80 23.49 -8.16
N ASP A 27 -14.60 23.44 -7.60
CA ASP A 27 -13.48 24.19 -8.12
C ASP A 27 -12.87 23.39 -9.26
N VAL A 28 -12.49 22.15 -9.00
CA VAL A 28 -11.88 21.30 -10.02
C VAL A 28 -12.61 19.97 -10.22
N LEU A 29 -13.06 19.73 -11.44
CA LEU A 29 -13.41 18.40 -11.91
C LEU A 29 -12.24 17.84 -12.73
N THR A 30 -11.83 16.61 -12.42
CA THR A 30 -10.85 15.93 -13.23
C THR A 30 -11.47 14.66 -13.85
N VAL A 31 -10.90 14.25 -14.97
CA VAL A 31 -11.39 13.09 -15.73
C VAL A 31 -10.18 12.27 -16.14
N GLY A 32 -10.23 10.99 -15.84
CA GLY A 32 -9.09 10.10 -16.14
C GLY A 32 -9.34 8.61 -16.08
N ASN A 33 -8.29 7.86 -16.38
CA ASN A 33 -8.28 6.38 -16.20
C ASN A 33 -8.26 6.05 -14.73
N ALA A 34 -9.30 5.38 -14.24
CA ALA A 34 -9.37 5.01 -12.82
C ALA A 34 -8.51 3.77 -12.62
N ILE A 35 -7.44 3.92 -11.85
CA ILE A 35 -6.41 2.87 -11.72
C ILE A 35 -6.00 2.69 -10.27
N VAL A 36 -5.74 1.43 -9.92
CA VAL A 36 -5.09 1.14 -8.64
C VAL A 36 -3.64 0.74 -8.91
N ASP A 37 -2.71 1.35 -8.18
CA ASP A 37 -1.28 1.10 -8.34
C ASP A 37 -0.84 -0.10 -7.50
N ILE A 38 0.04 -0.88 -8.08
CA ILE A 38 0.71 -2.01 -7.43
C ILE A 38 2.19 -1.62 -7.49
N ILE A 39 2.76 -1.31 -6.32
CA ILE A 39 4.07 -0.65 -6.25
C ILE A 39 5.17 -1.54 -5.68
N SER A 40 6.31 -1.59 -6.37
CA SER A 40 7.47 -2.35 -5.88
C SER A 40 8.77 -1.63 -6.25
N ARG A 41 9.78 -1.80 -5.42
CA ARG A 41 11.13 -1.30 -5.69
C ARG A 41 11.88 -2.35 -6.52
N CYS A 42 12.65 -1.92 -7.52
CA CYS A 42 13.51 -2.85 -8.29
C CYS A 42 14.91 -2.29 -8.54
N ASN A 43 15.84 -3.13 -8.98
CA ASN A 43 17.13 -2.65 -9.49
C ASN A 43 16.98 -2.26 -10.97
N ASP A 44 17.99 -1.58 -11.53
CA ASP A 44 17.83 -1.09 -12.89
CA ASP A 44 17.97 -1.08 -12.91
C ASP A 44 17.91 -2.22 -13.92
N GLN A 45 18.55 -3.33 -13.55
CA GLN A 45 18.62 -4.49 -14.43
C GLN A 45 17.22 -5.09 -14.64
N PHE A 46 16.33 -4.98 -13.66
CA PHE A 46 14.98 -5.46 -13.84
C PHE A 46 14.29 -4.79 -15.05
N LEU A 47 14.49 -3.48 -15.19
CA LEU A 47 13.86 -2.76 -16.28
C LEU A 47 14.37 -3.26 -17.62
N ILE A 48 15.69 -3.39 -17.73
CA ILE A 48 16.35 -3.87 -18.95
C ILE A 48 15.90 -5.30 -19.32
N ASP A 49 15.96 -6.23 -18.35
CA ASP A 49 15.57 -7.62 -18.62
C ASP A 49 14.12 -7.77 -19.10
N ASN A 50 13.25 -6.86 -18.65
CA ASN A 50 11.83 -6.95 -18.95
C ASN A 50 11.35 -5.99 -20.01
N GLN A 51 12.28 -5.27 -20.63
CA GLN A 51 12.01 -4.34 -21.73
C GLN A 51 10.96 -3.30 -21.34
N ILE A 52 11.03 -2.88 -20.09
CA ILE A 52 10.20 -1.81 -19.53
C ILE A 52 10.87 -0.47 -19.83
N THR A 53 10.16 0.44 -20.47
CA THR A 53 10.76 1.75 -20.79
C THR A 53 10.79 2.61 -19.51
N LYS A 54 12.00 2.99 -19.07
CA LYS A 54 12.19 3.70 -17.78
C LYS A 54 11.53 5.07 -17.79
N ALA A 55 10.91 5.43 -16.65
CA ALA A 55 10.24 6.70 -16.42
C ALA A 55 8.98 6.92 -17.25
N ALA A 56 8.51 5.88 -17.93
CA ALA A 56 7.41 6.00 -18.88
C ALA A 56 6.17 5.21 -18.44
N MSE A 57 5.04 5.52 -19.06
CA MSE A 57 3.82 4.73 -18.91
C MSE A 57 3.79 3.72 -20.04
O MSE A 57 3.66 4.07 -21.23
CB MSE A 57 2.61 5.68 -18.91
CG MSE A 57 1.37 5.00 -18.36
SE MSE A 57 0.50 3.77 -19.63
CE MSE A 57 -0.02 5.10 -20.99
N ASN A 58 3.94 2.43 -19.68
CA ASN A 58 3.97 1.32 -20.63
C ASN A 58 2.64 0.61 -20.63
N LEU A 59 1.86 0.76 -21.71
CA LEU A 59 0.61 -0.01 -21.84
C LEU A 59 0.89 -1.50 -22.03
N ILE A 60 0.05 -2.30 -21.41
CA ILE A 60 0.20 -3.77 -21.44
C ILE A 60 -1.15 -4.46 -21.54
N ASP A 61 -1.17 -5.63 -22.17
CA ASP A 61 -2.36 -6.47 -22.20
C ASP A 61 -2.44 -7.39 -20.99
N ALA A 62 -3.52 -8.16 -20.91
CA ALA A 62 -3.81 -9.01 -19.76
C ALA A 62 -2.74 -10.08 -19.57
N GLU A 63 -2.24 -10.61 -20.68
CA GLU A 63 -1.22 -11.68 -20.62
C GLU A 63 0.12 -11.16 -20.09
N ARG A 64 0.52 -9.98 -20.57
CA ARG A 64 1.73 -9.31 -20.10
C ARG A 64 1.61 -8.88 -18.65
N ALA A 65 0.39 -8.53 -18.22
CA ALA A 65 0.18 -8.09 -16.83
C ALA A 65 0.45 -9.27 -15.88
N GLU A 66 -0.07 -10.43 -16.26
CA GLU A 66 0.14 -11.67 -15.49
C GLU A 66 1.64 -11.97 -15.47
N LEU A 67 2.29 -11.88 -16.63
CA LEU A 67 3.71 -12.19 -16.71
C LEU A 67 4.49 -11.27 -15.78
N LEU A 68 4.31 -9.96 -15.93
CA LEU A 68 5.06 -9.00 -15.10
C LEU A 68 4.82 -9.15 -13.60
N TYR A 69 3.60 -9.47 -13.24
CA TYR A 69 3.23 -9.62 -11.83
C TYR A 69 3.97 -10.84 -11.27
N SER A 70 4.08 -11.85 -12.11
CA SER A 70 4.74 -13.11 -11.71
C SER A 70 6.23 -12.90 -11.41
N ARG A 71 6.79 -11.82 -11.95
CA ARG A 71 8.21 -11.47 -11.76
C ARG A 71 8.42 -10.35 -10.76
N MSE A 72 7.33 -9.67 -10.39
CA MSE A 72 7.35 -8.56 -9.46
C MSE A 72 7.54 -9.04 -8.06
O MSE A 72 7.01 -10.11 -7.68
CB MSE A 72 6.01 -7.85 -9.57
CG MSE A 72 6.05 -6.58 -8.75
SE MSE A 72 4.34 -5.68 -9.04
CE MSE A 72 5.01 -3.83 -9.24
N GLY A 73 8.26 -8.26 -7.25
CA GLY A 73 8.45 -8.55 -5.83
C GLY A 73 7.21 -8.32 -4.99
N PRO A 74 7.30 -8.57 -3.66
CA PRO A 74 6.19 -8.19 -2.76
C PRO A 74 5.84 -6.71 -2.94
N ALA A 75 4.55 -6.41 -3.01
CA ALA A 75 4.08 -5.08 -3.44
C ALA A 75 3.16 -4.43 -2.42
N LEU A 76 2.89 -3.14 -2.63
CA LEU A 76 1.91 -2.40 -1.86
C LEU A 76 0.90 -1.87 -2.85
N GLU A 77 -0.36 -1.81 -2.45
CA GLU A 77 -1.37 -1.23 -3.34
C GLU A 77 -1.84 0.12 -2.84
N ALA A 78 -2.09 1.02 -3.79
CA ALA A 78 -2.59 2.35 -3.48
C ALA A 78 -3.37 2.86 -4.67
N SER A 79 -4.49 3.55 -4.38
CA SER A 79 -5.33 4.09 -5.42
C SER A 79 -4.52 5.10 -6.22
N GLY A 80 -4.60 5.00 -7.55
CA GLY A 80 -3.83 5.90 -8.43
C GLY A 80 -4.69 6.57 -9.49
N GLY A 81 -4.18 6.60 -10.70
CA GLY A 81 -4.77 7.35 -11.83
C GLY A 81 -4.32 8.81 -11.74
N SER A 82 -3.74 9.33 -12.82
CA SER A 82 -3.18 10.68 -12.80
CA SER A 82 -3.19 10.68 -12.82
C SER A 82 -4.23 11.70 -12.31
N ALA A 83 -5.35 11.81 -13.02
CA ALA A 83 -6.50 12.68 -12.67
C ALA A 83 -7.09 12.41 -11.30
N GLY A 84 -7.14 11.14 -10.93
CA GLY A 84 -7.57 10.74 -9.60
C GLY A 84 -6.73 11.39 -8.53
N ASN A 85 -5.40 11.23 -8.66
CA ASN A 85 -4.45 11.79 -7.72
C ASN A 85 -4.64 13.30 -7.66
N THR A 86 -4.84 13.88 -8.84
CA THR A 86 -5.01 15.34 -8.92
C THR A 86 -6.24 15.84 -8.18
N ALA A 87 -7.39 15.18 -8.38
CA ALA A 87 -8.61 15.54 -7.65
C ALA A 87 -8.38 15.40 -6.15
N ALA A 88 -7.88 14.23 -5.72
CA ALA A 88 -7.59 14.01 -4.31
C ALA A 88 -6.67 15.09 -3.71
N GLY A 89 -5.70 15.57 -4.50
CA GLY A 89 -4.77 16.62 -4.07
C GLY A 89 -5.45 17.96 -3.88
N VAL A 90 -6.36 18.29 -4.78
CA VAL A 90 -7.22 19.48 -4.63
C VAL A 90 -8.09 19.39 -3.36
N ALA A 91 -8.71 18.23 -3.13
CA ALA A 91 -9.48 18.01 -1.90
C ALA A 91 -8.62 18.13 -0.62
N ASN A 92 -7.47 17.49 -0.60
CA ASN A 92 -6.51 17.63 0.49
C ASN A 92 -6.21 19.12 0.82
N LEU A 93 -5.94 19.92 -0.21
CA LEU A 93 -5.59 21.33 0.00
C LEU A 93 -6.75 22.21 0.51
N GLY A 94 -7.98 21.69 0.44
CA GLY A 94 -9.18 22.42 0.88
C GLY A 94 -10.15 22.84 -0.22
N GLY A 95 -9.84 22.49 -1.46
CA GLY A 95 -10.67 22.83 -2.63
C GLY A 95 -11.81 21.85 -2.86
N LYS A 96 -12.79 22.24 -3.66
CA LYS A 96 -13.94 21.39 -3.90
C LYS A 96 -13.74 20.60 -5.18
N ALA A 97 -13.52 19.27 -5.03
CA ALA A 97 -13.19 18.41 -6.19
C ALA A 97 -14.25 17.39 -6.63
N ALA A 98 -14.20 17.01 -7.90
CA ALA A 98 -15.05 15.98 -8.49
C ALA A 98 -14.22 15.18 -9.48
N TYR A 99 -14.62 13.93 -9.72
CA TYR A 99 -13.89 12.99 -10.58
C TYR A 99 -14.80 12.10 -11.42
N PHE A 100 -14.45 11.95 -12.70
CA PHE A 100 -15.07 11.00 -13.65
C PHE A 100 -14.02 9.97 -14.02
N GLY A 101 -14.31 8.68 -13.77
CA GLY A 101 -13.42 7.59 -14.15
C GLY A 101 -14.13 6.29 -13.87
N ASN A 102 -13.89 5.29 -14.71
CA ASN A 102 -14.66 4.05 -14.68
C ASN A 102 -13.84 2.90 -14.11
N VAL A 103 -14.36 2.30 -13.06
CA VAL A 103 -13.83 1.05 -12.49
C VAL A 103 -14.79 -0.09 -12.80
N ALA A 104 -14.39 -1.32 -12.43
CA ALA A 104 -15.29 -2.48 -12.47
C ALA A 104 -15.91 -2.73 -11.11
N ALA A 105 -16.98 -3.51 -11.10
CA ALA A 105 -17.61 -3.96 -9.87
C ALA A 105 -16.80 -5.12 -9.26
N ASP A 106 -15.63 -4.79 -8.73
CA ASP A 106 -14.75 -5.78 -8.08
C ASP A 106 -14.05 -5.14 -6.88
N GLN A 107 -13.20 -5.91 -6.20
CA GLN A 107 -12.52 -5.40 -5.01
C GLN A 107 -11.57 -4.23 -5.27
N LEU A 108 -10.82 -4.27 -6.37
CA LEU A 108 -9.93 -3.16 -6.73
C LEU A 108 -10.77 -1.90 -7.01
N GLY A 109 -11.90 -2.10 -7.67
CA GLY A 109 -12.83 -0.98 -7.92
C GLY A 109 -13.41 -0.41 -6.64
N ASP A 110 -13.73 -1.28 -5.68
CA ASP A 110 -14.23 -0.83 -4.40
C ASP A 110 -13.18 -0.05 -3.62
N ILE A 111 -11.92 -0.48 -3.73
CA ILE A 111 -10.79 0.24 -3.11
C ILE A 111 -10.67 1.63 -3.72
N PHE A 112 -10.71 1.69 -5.04
CA PHE A 112 -10.58 2.95 -5.75
C PHE A 112 -11.70 3.87 -5.31
N THR A 113 -12.92 3.34 -5.33
CA THR A 113 -14.12 4.14 -4.98
C THR A 113 -14.01 4.66 -3.54
N HIS A 114 -13.59 3.79 -2.62
CA HIS A 114 -13.40 4.23 -1.26
C HIS A 114 -12.40 5.36 -1.08
N ASP A 115 -11.19 5.18 -1.61
CA ASP A 115 -10.09 6.11 -1.35
C ASP A 115 -10.37 7.53 -1.88
N ILE A 116 -10.95 7.59 -3.08
CA ILE A 116 -11.25 8.91 -3.67
C ILE A 116 -12.40 9.60 -2.96
N ARG A 117 -13.48 8.86 -2.67
CA ARG A 117 -14.59 9.42 -1.88
C ARG A 117 -14.19 9.81 -0.46
N ALA A 118 -13.40 8.97 0.22
CA ALA A 118 -12.96 9.28 1.58
C ALA A 118 -12.07 10.53 1.69
N GLN A 119 -11.48 10.94 0.56
CA GLN A 119 -10.74 12.19 0.50
C GLN A 119 -11.69 13.41 0.31
N GLY A 120 -12.98 13.15 0.06
CA GLY A 120 -14.01 14.20 -0.05
C GLY A 120 -14.24 14.68 -1.46
N VAL A 121 -13.80 13.86 -2.40
CA VAL A 121 -14.02 14.02 -3.84
C VAL A 121 -15.36 13.42 -4.25
N HIS A 122 -16.15 14.19 -4.97
CA HIS A 122 -17.39 13.72 -5.56
C HIS A 122 -17.02 12.70 -6.63
N TYR A 123 -17.50 11.47 -6.49
CA TYR A 123 -17.25 10.41 -7.45
C TYR A 123 -18.46 9.50 -7.57
N GLN A 124 -19.13 9.57 -8.72
CA GLN A 124 -20.41 8.91 -8.91
CA GLN A 124 -20.40 8.88 -8.90
C GLN A 124 -20.46 7.98 -10.13
N THR A 125 -19.33 7.89 -10.85
CA THR A 125 -19.25 7.04 -12.03
C THR A 125 -19.57 5.59 -11.68
N LYS A 126 -20.57 5.04 -12.37
CA LYS A 126 -21.15 3.75 -12.08
C LYS A 126 -20.42 2.62 -12.83
N PRO A 127 -19.97 1.58 -12.11
CA PRO A 127 -19.37 0.44 -12.80
C PRO A 127 -20.37 -0.26 -13.72
N LYS A 128 -19.88 -0.81 -14.83
CA LYS A 128 -20.74 -1.41 -15.86
C LYS A 128 -20.88 -2.92 -15.67
N GLY A 129 -20.02 -3.49 -14.83
N GLY A 129 -20.02 -3.48 -14.84
CA GLY A 129 -20.00 -4.92 -14.57
CA GLY A 129 -19.97 -4.92 -14.61
C GLY A 129 -18.69 -5.29 -13.91
C GLY A 129 -18.61 -5.30 -14.07
N ALA A 130 -18.40 -6.59 -13.84
CA ALA A 130 -17.14 -7.07 -13.24
C ALA A 130 -16.02 -7.20 -14.28
N PHE A 131 -16.38 -7.31 -15.56
CA PHE A 131 -15.41 -7.53 -16.62
C PHE A 131 -15.57 -6.59 -17.82
N PRO A 132 -14.46 -6.02 -18.32
CA PRO A 132 -13.06 -6.19 -17.87
C PRO A 132 -12.87 -5.68 -16.44
N PRO A 133 -11.87 -6.23 -15.71
CA PRO A 133 -11.68 -5.82 -14.31
C PRO A 133 -11.10 -4.41 -14.20
N THR A 134 -11.04 -3.92 -12.97
CA THR A 134 -10.55 -2.56 -12.69
C THR A 134 -9.09 -2.46 -13.15
N ALA A 135 -8.77 -1.34 -13.81
CA ALA A 135 -7.41 -1.09 -14.24
C ALA A 135 -6.41 -1.15 -13.07
N ARG A 136 -5.21 -1.62 -13.40
CA ARG A 136 -4.10 -1.57 -12.46
C ARG A 136 -2.82 -1.25 -13.18
N SER A 137 -1.89 -0.63 -12.45
CA SER A 137 -0.59 -0.28 -12.98
C SER A 137 0.49 -0.77 -12.05
N MSE A 138 1.36 -1.61 -12.57
CA MSE A 138 2.50 -2.09 -11.83
C MSE A 138 3.60 -1.11 -11.99
O MSE A 138 4.15 -0.92 -13.09
CB MSE A 138 2.84 -3.45 -12.39
CG MSE A 138 1.82 -4.41 -11.81
SE MSE A 138 2.35 -6.16 -12.49
CE MSE A 138 1.46 -6.07 -14.23
N ILE A 139 3.90 -0.45 -10.88
CA ILE A 139 4.87 0.64 -10.88
C ILE A 139 6.15 0.17 -10.18
N PHE A 140 7.24 0.17 -10.93
CA PHE A 140 8.54 -0.21 -10.42
C PHE A 140 9.35 1.04 -10.11
N VAL A 141 9.79 1.18 -8.86
CA VAL A 141 10.58 2.33 -8.44
C VAL A 141 12.05 1.95 -8.30
N THR A 142 12.91 2.66 -9.03
CA THR A 142 14.36 2.38 -9.00
C THR A 142 15.05 3.20 -7.89
N GLU A 143 16.32 2.88 -7.61
CA GLU A 143 17.09 3.50 -6.52
C GLU A 143 17.15 5.02 -6.59
N ASP A 144 17.15 5.54 -7.81
CA ASP A 144 17.15 6.98 -8.06
C ASP A 144 15.78 7.62 -7.81
N GLY A 145 14.77 6.79 -7.51
CA GLY A 145 13.43 7.27 -7.18
C GLY A 145 12.53 7.43 -8.40
N GLU A 146 13.04 7.07 -9.57
CA GLU A 146 12.24 7.11 -10.80
C GLU A 146 11.21 5.99 -10.82
N ARG A 147 10.08 6.26 -11.47
CA ARG A 147 8.99 5.27 -11.53
CA ARG A 147 8.98 5.30 -11.52
C ARG A 147 8.67 4.89 -12.96
N SER A 148 8.52 3.59 -13.19
CA SER A 148 8.23 3.09 -14.51
C SER A 148 6.97 2.27 -14.40
N MSE A 149 5.95 2.70 -15.13
CA MSE A 149 4.59 2.23 -14.93
C MSE A 149 4.19 1.30 -16.03
O MSE A 149 4.53 1.50 -17.19
CB MSE A 149 3.62 3.42 -14.90
CG MSE A 149 4.17 4.44 -13.94
SE MSE A 149 2.71 5.68 -13.50
CE MSE A 149 2.66 6.53 -15.27
N ASN A 150 3.46 0.25 -15.64
CA ASN A 150 3.03 -0.80 -16.57
C ASN A 150 1.54 -1.08 -16.41
N THR A 151 0.75 -0.50 -17.32
CA THR A 151 -0.68 -0.29 -17.07
C THR A 151 -1.59 -1.12 -17.95
N TYR A 152 -2.44 -1.91 -17.28
CA TYR A 152 -3.50 -2.61 -17.96
C TYR A 152 -4.78 -1.80 -17.75
N LEU A 153 -5.36 -1.32 -18.85
CA LEU A 153 -6.49 -0.40 -18.75
C LEU A 153 -7.81 -1.01 -18.28
N GLY A 154 -8.00 -2.32 -18.49
CA GLY A 154 -9.22 -2.99 -18.00
C GLY A 154 -10.49 -2.20 -18.25
N ALA A 155 -11.25 -1.99 -17.17
CA ALA A 155 -12.56 -1.32 -17.23
C ALA A 155 -12.48 0.12 -17.73
N CYS A 156 -11.29 0.70 -17.77
CA CYS A 156 -11.07 2.07 -18.30
C CYS A 156 -11.50 2.22 -19.75
N VAL A 157 -11.46 1.13 -20.51
CA VAL A 157 -11.86 1.18 -21.94
C VAL A 157 -13.36 1.46 -22.13
N GLU A 158 -14.12 1.38 -21.04
CA GLU A 158 -15.57 1.52 -21.08
C GLU A 158 -16.06 2.94 -20.80
N LEU A 159 -15.17 3.83 -20.39
CA LEU A 159 -15.53 5.23 -20.12
C LEU A 159 -15.92 5.95 -21.41
N GLY A 160 -17.08 6.59 -21.39
CA GLY A 160 -17.64 7.24 -22.56
C GLY A 160 -18.58 8.38 -22.22
N PRO A 161 -19.20 9.00 -23.25
CA PRO A 161 -20.08 10.16 -23.05
C PRO A 161 -21.19 9.92 -22.02
N GLU A 162 -21.60 8.67 -21.86
CA GLU A 162 -22.61 8.29 -20.87
C GLU A 162 -22.21 8.57 -19.40
N ASP A 163 -20.92 8.76 -19.17
CA ASP A 163 -20.38 8.98 -17.84
C ASP A 163 -20.18 10.47 -17.56
N VAL A 164 -20.59 11.31 -18.51
CA VAL A 164 -20.47 12.74 -18.31
C VAL A 164 -21.67 13.16 -17.49
N GLU A 165 -21.40 13.65 -16.28
CA GLU A 165 -22.44 14.20 -15.45
C GLU A 165 -22.43 15.67 -15.79
N ALA A 166 -23.35 16.05 -16.68
CA ALA A 166 -23.41 17.39 -17.27
C ALA A 166 -23.54 18.49 -16.21
N ASP A 167 -24.39 18.24 -15.22
CA ASP A 167 -24.51 19.16 -14.09
C ASP A 167 -23.16 19.43 -13.37
N VAL A 168 -22.29 18.42 -13.30
CA VAL A 168 -20.98 18.63 -12.67
C VAL A 168 -20.02 19.51 -13.50
N VAL A 169 -19.93 19.22 -14.80
CA VAL A 169 -19.13 20.04 -15.72
C VAL A 169 -19.65 21.49 -15.72
N ALA A 170 -20.94 21.65 -15.94
CA ALA A 170 -21.62 22.96 -15.83
C ALA A 170 -21.27 23.77 -14.57
N ASP A 171 -21.08 23.09 -13.43
CA ASP A 171 -20.87 23.74 -12.13
C ASP A 171 -19.42 23.66 -11.61
N ALA A 172 -18.47 23.30 -12.47
CA ALA A 172 -17.06 23.31 -12.07
C ALA A 172 -16.23 24.44 -12.69
N LYS A 173 -15.46 25.11 -11.84
CA LYS A 173 -14.62 26.20 -12.33
C LYS A 173 -13.65 25.68 -13.38
N VAL A 174 -13.02 24.52 -13.13
CA VAL A 174 -12.10 23.93 -14.08
C VAL A 174 -12.41 22.45 -14.26
N THR A 175 -12.54 22.01 -15.50
CA THR A 175 -12.51 20.58 -15.82
C THR A 175 -11.14 20.25 -16.40
N TYR A 176 -10.47 19.27 -15.79
CA TYR A 176 -9.08 18.91 -16.12
C TYR A 176 -9.06 17.46 -16.56
N PHE A 177 -8.32 17.16 -17.63
CA PHE A 177 -8.25 15.78 -18.13
C PHE A 177 -6.86 15.32 -18.55
N GLU A 178 -6.64 13.98 -18.53
CA GLU A 178 -5.39 13.40 -18.99
C GLU A 178 -5.30 13.15 -20.48
N GLY A 179 -4.12 13.44 -21.03
CA GLY A 179 -3.75 12.96 -22.35
C GLY A 179 -3.90 11.46 -22.47
N TYR A 180 -3.63 10.77 -21.35
CA TYR A 180 -3.76 9.32 -21.27
C TYR A 180 -5.13 8.82 -21.75
N LEU A 181 -6.14 9.68 -21.66
CA LEU A 181 -7.49 9.34 -22.10
C LEU A 181 -7.62 9.07 -23.60
N TRP A 182 -6.60 9.44 -24.39
CA TRP A 182 -6.66 9.15 -25.83
C TRP A 182 -6.35 7.67 -26.14
N ASP A 183 -5.79 6.95 -25.17
CA ASP A 183 -5.56 5.53 -25.36
C ASP A 183 -6.83 4.67 -25.43
N PRO A 184 -7.72 4.73 -24.39
CA PRO A 184 -9.00 4.01 -24.53
C PRO A 184 -9.86 4.57 -25.66
N PRO A 185 -10.82 3.80 -26.19
CA PRO A 185 -11.47 4.15 -27.46
C PRO A 185 -12.43 5.35 -27.45
N ARG A 186 -13.23 5.48 -26.39
CA ARG A 186 -14.35 6.43 -26.41
CA ARG A 186 -14.38 6.41 -26.38
C ARG A 186 -14.26 7.56 -25.37
N ALA A 187 -13.20 7.55 -24.55
CA ALA A 187 -12.98 8.63 -23.59
C ALA A 187 -12.94 10.04 -24.23
N LYS A 188 -12.33 10.13 -25.41
CA LYS A 188 -12.18 11.40 -26.11
C LYS A 188 -13.52 12.02 -26.42
N GLU A 189 -14.53 11.18 -26.67
CA GLU A 189 -15.91 11.63 -26.90
C GLU A 189 -16.52 12.26 -25.64
N ALA A 190 -16.26 11.66 -24.47
CA ALA A 190 -16.70 12.25 -23.21
C ALA A 190 -16.07 13.63 -23.00
N ILE A 191 -14.78 13.73 -23.34
CA ILE A 191 -14.01 14.97 -23.16
C ILE A 191 -14.54 16.10 -24.04
N LEU A 192 -14.82 15.80 -25.31
CA LEU A 192 -15.44 16.80 -26.21
C LEU A 192 -16.81 17.27 -25.68
N ASP A 193 -17.57 16.34 -25.12
CA ASP A 193 -18.80 16.71 -24.45
C ASP A 193 -18.52 17.63 -23.25
N CYS A 194 -17.49 17.31 -22.46
CA CYS A 194 -17.10 18.19 -21.35
C CYS A 194 -16.67 19.59 -21.80
N ALA A 195 -15.93 19.64 -22.91
CA ALA A 195 -15.40 20.92 -23.45
C ALA A 195 -16.55 21.83 -23.78
N ARG A 196 -17.55 21.26 -24.43
CA ARG A 196 -18.72 22.02 -24.90
C ARG A 196 -19.50 22.56 -23.72
N ILE A 197 -19.77 21.68 -22.75
CA ILE A 197 -20.58 22.02 -21.60
C ILE A 197 -19.86 23.05 -20.74
N ALA A 198 -18.57 22.83 -20.50
CA ALA A 198 -17.74 23.73 -19.70
C ALA A 198 -17.75 25.13 -20.30
N HIS A 199 -17.42 25.23 -21.58
CA HIS A 199 -17.34 26.53 -22.29
C HIS A 199 -18.70 27.25 -22.40
N GLN A 200 -19.75 26.47 -22.62
CA GLN A 200 -21.09 27.05 -22.66
C GLN A 200 -21.56 27.60 -21.31
N HIS A 201 -20.95 27.12 -20.23
CA HIS A 201 -21.23 27.60 -18.89
C HIS A 201 -20.14 28.53 -18.37
N GLY A 202 -19.32 29.04 -19.30
CA GLY A 202 -18.27 29.99 -18.97
C GLY A 202 -17.10 29.49 -18.13
N ARG A 203 -16.85 28.19 -18.13
CA ARG A 203 -15.79 27.60 -17.33
C ARG A 203 -14.57 27.38 -18.18
N GLU A 204 -13.48 26.91 -17.56
CA GLU A 204 -12.26 26.59 -18.30
C GLU A 204 -11.91 25.09 -18.33
N MSE A 205 -11.23 24.69 -19.40
CA MSE A 205 -10.81 23.34 -19.64
C MSE A 205 -9.33 23.31 -19.52
O MSE A 205 -8.62 24.22 -19.99
CB MSE A 205 -11.21 22.94 -21.06
CG MSE A 205 -12.71 22.83 -21.27
SE MSE A 205 -13.38 21.24 -20.31
CE MSE A 205 -12.37 19.88 -21.36
N SER A 206 -8.83 22.24 -18.92
CA SER A 206 -7.41 22.04 -18.72
C SER A 206 -7.03 20.62 -19.08
N MSE A 207 -5.79 20.42 -19.54
CA MSE A 207 -5.28 19.07 -19.79
C MSE A 207 -3.84 18.91 -19.40
O MSE A 207 -3.08 19.87 -19.34
CB MSE A 207 -5.50 18.69 -21.26
CG MSE A 207 -4.35 19.13 -22.15
SE MSE A 207 -4.62 18.29 -23.90
CE MSE A 207 -4.39 16.44 -23.28
N THR A 208 -3.46 17.67 -19.11
CA THR A 208 -2.06 17.37 -19.00
C THR A 208 -1.65 16.51 -20.18
N LEU A 209 -0.42 16.73 -20.65
CA LEU A 209 0.15 15.98 -21.76
C LEU A 209 0.53 14.54 -21.32
N SER A 210 0.58 14.33 -20.00
CA SER A 210 0.63 12.99 -19.35
C SER A 210 1.98 12.25 -19.42
N ASP A 211 2.50 12.06 -20.62
CA ASP A 211 3.67 11.20 -20.87
C ASP A 211 4.20 11.47 -22.27
N SER A 212 5.53 11.50 -22.44
CA SER A 212 6.16 11.88 -23.73
C SER A 212 5.76 10.95 -24.89
N PHE A 213 5.55 9.67 -24.59
CA PHE A 213 5.13 8.71 -25.62
C PHE A 213 3.65 8.82 -25.90
N CYS A 214 2.89 9.10 -24.85
CA CYS A 214 1.48 9.44 -25.05
C CYS A 214 1.41 10.59 -26.07
N VAL A 215 2.22 11.62 -25.85
CA VAL A 215 2.31 12.78 -26.81
C VAL A 215 2.71 12.35 -28.22
N ASP A 216 3.74 11.51 -28.34
CA ASP A 216 4.18 10.91 -29.60
C ASP A 216 2.94 10.33 -30.32
N ARG A 217 2.11 9.61 -29.57
CA ARG A 217 0.94 8.91 -30.12
C ARG A 217 -0.18 9.83 -30.59
N TYR A 218 -0.34 10.95 -29.91
CA TYR A 218 -1.52 11.81 -30.14
C TYR A 218 -1.20 13.28 -30.35
N ARG A 219 0.03 13.53 -30.84
CA ARG A 219 0.55 14.88 -31.06
CA ARG A 219 0.55 14.88 -31.06
C ARG A 219 -0.41 15.81 -31.80
N GLY A 220 -0.86 15.38 -32.98
CA GLY A 220 -1.83 16.11 -33.80
C GLY A 220 -3.12 16.42 -33.05
N GLU A 221 -3.64 15.44 -32.31
CA GLU A 221 -4.91 15.62 -31.61
C GLU A 221 -4.80 16.57 -30.43
N PHE A 222 -3.70 16.48 -29.68
CA PHE A 222 -3.44 17.37 -28.55
C PHE A 222 -3.31 18.84 -29.04
N LEU A 223 -2.50 19.06 -30.06
CA LEU A 223 -2.32 20.41 -30.63
C LEU A 223 -3.63 21.02 -31.11
N ASP A 224 -4.47 20.19 -31.71
CA ASP A 224 -5.78 20.61 -32.22
C ASP A 224 -6.71 21.02 -31.08
N LEU A 225 -6.70 20.25 -29.99
CA LEU A 225 -7.41 20.64 -28.77
C LEU A 225 -6.99 22.04 -28.29
N MSE A 226 -5.71 22.33 -28.38
CA MSE A 226 -5.16 23.58 -27.85
C MSE A 226 -5.49 24.73 -28.78
O MSE A 226 -5.97 25.77 -28.33
CB MSE A 226 -3.65 23.48 -27.66
CG MSE A 226 -3.29 22.62 -26.44
SE MSE A 226 -1.47 21.90 -26.65
CE MSE A 226 -0.49 23.39 -25.83
N ARG A 227 -5.26 24.53 -30.08
CA ARG A 227 -5.48 25.59 -31.09
C ARG A 227 -6.96 25.90 -31.34
N SER A 228 -7.84 24.92 -31.15
CA SER A 228 -9.29 25.15 -31.35
C SER A 228 -9.99 25.87 -30.19
N GLY A 229 -9.33 25.90 -29.03
CA GLY A 229 -9.87 26.55 -27.84
C GLY A 229 -10.63 25.62 -26.91
N LYS A 230 -10.61 24.32 -27.21
CA LYS A 230 -11.21 23.31 -26.32
C LYS A 230 -10.39 23.10 -25.05
N VAL A 231 -9.10 23.44 -25.12
CA VAL A 231 -8.23 23.39 -23.95
C VAL A 231 -7.66 24.79 -23.68
N ASP A 232 -7.87 25.30 -22.47
CA ASP A 232 -7.44 26.66 -22.09
C ASP A 232 -6.13 26.66 -21.35
N ILE A 233 -5.91 25.67 -20.49
CA ILE A 233 -4.71 25.58 -19.66
C ILE A 233 -4.08 24.21 -19.85
N VAL A 234 -2.78 24.18 -20.13
CA VAL A 234 -2.07 22.93 -20.41
CA VAL A 234 -2.08 22.93 -20.40
C VAL A 234 -0.95 22.69 -19.42
N PHE A 235 -0.83 21.44 -18.93
CA PHE A 235 0.28 21.06 -18.08
C PHE A 235 1.23 20.13 -18.83
N ALA A 236 2.52 20.36 -18.66
CA ALA A 236 3.58 19.57 -19.31
C ALA A 236 4.85 19.56 -18.46
N ASN A 237 5.60 18.47 -18.50
CA ASN A 237 6.96 18.48 -17.99
C ASN A 237 7.90 18.73 -19.16
N ARG A 238 9.19 18.83 -18.88
CA ARG A 238 10.17 19.15 -19.93
C ARG A 238 10.08 18.15 -21.09
N GLN A 239 10.10 16.85 -20.77
CA GLN A 239 10.06 15.79 -21.77
CA GLN A 239 10.08 15.83 -21.82
C GLN A 239 8.83 15.90 -22.69
N GLU A 240 7.69 16.21 -22.10
CA GLU A 240 6.42 16.26 -22.83
C GLU A 240 6.42 17.46 -23.75
N ALA A 241 7.00 18.55 -23.26
CA ALA A 241 7.05 19.81 -24.05
C ALA A 241 7.94 19.61 -25.26
N LEU A 242 9.12 19.02 -25.06
CA LEU A 242 10.04 18.71 -26.15
C LEU A 242 9.43 17.76 -27.18
N SER A 243 8.66 16.79 -26.70
N SER A 243 8.64 16.79 -26.71
CA SER A 243 8.01 15.82 -27.58
CA SER A 243 8.02 15.83 -27.61
C SER A 243 6.84 16.44 -28.35
C SER A 243 6.79 16.39 -28.33
N LEU A 244 6.09 17.32 -27.69
CA LEU A 244 4.97 17.94 -28.33
C LEU A 244 5.42 18.62 -29.63
N TYR A 245 6.63 19.19 -29.61
CA TYR A 245 7.20 19.89 -30.77
C TYR A 245 8.40 19.17 -31.42
N GLN A 246 8.68 17.94 -30.98
CA GLN A 246 9.72 17.10 -31.57
C GLN A 246 11.02 17.87 -31.73
N THR A 247 11.44 18.51 -30.65
CA THR A 247 12.61 19.36 -30.61
C THR A 247 13.48 19.00 -29.41
N ASP A 248 14.78 19.25 -29.49
CA ASP A 248 15.63 19.21 -28.28
C ASP A 248 15.95 20.59 -27.74
N ASP A 249 15.30 21.59 -28.34
CA ASP A 249 15.44 22.99 -27.93
C ASP A 249 14.28 23.36 -27.02
N PHE A 250 14.57 23.46 -25.73
CA PHE A 250 13.53 23.75 -24.73
C PHE A 250 12.98 25.17 -24.84
N GLU A 251 13.80 26.09 -25.32
CA GLU A 251 13.34 27.47 -25.47
C GLU A 251 12.34 27.58 -26.60
N GLU A 252 12.55 26.80 -27.66
CA GLU A 252 11.60 26.67 -28.75
C GLU A 252 10.27 26.12 -28.25
N ALA A 253 10.34 25.04 -27.47
CA ALA A 253 9.17 24.42 -26.86
C ALA A 253 8.34 25.41 -26.04
N LEU A 254 8.99 26.23 -25.21
CA LEU A 254 8.28 27.21 -24.38
C LEU A 254 7.61 28.30 -25.23
N ASN A 255 8.33 28.80 -26.23
CA ASN A 255 7.72 29.80 -27.11
C ASN A 255 6.53 29.21 -27.88
N ARG A 256 6.68 27.98 -28.39
CA ARG A 256 5.61 27.36 -29.16
C ARG A 256 4.39 27.02 -28.28
N ILE A 257 4.64 26.46 -27.09
CA ILE A 257 3.52 26.12 -26.20
C ILE A 257 2.71 27.36 -25.77
N ALA A 258 3.42 28.46 -25.53
CA ALA A 258 2.79 29.73 -25.14
C ALA A 258 1.92 30.28 -26.29
N ALA A 259 2.30 29.96 -27.52
CA ALA A 259 1.56 30.39 -28.70
C ALA A 259 0.32 29.52 -28.97
N ASP A 260 0.31 28.30 -28.43
CA ASP A 260 -0.74 27.34 -28.74
C ASP A 260 -1.86 27.24 -27.70
N CYS A 261 -1.61 27.75 -26.49
CA CYS A 261 -2.65 27.74 -25.45
CA CYS A 261 -2.58 27.68 -25.38
C CYS A 261 -2.59 29.00 -24.60
N LYS A 262 -3.70 29.29 -23.90
CA LYS A 262 -3.83 30.52 -23.12
C LYS A 262 -2.87 30.57 -21.93
N ILE A 263 -2.80 29.45 -21.21
CA ILE A 263 -1.92 29.37 -20.06
C ILE A 263 -1.24 28.01 -20.15
N ALA A 264 0.08 28.02 -19.97
CA ALA A 264 0.90 26.81 -19.95
C ALA A 264 1.65 26.72 -18.61
N ALA A 265 1.63 25.54 -18.02
CA ALA A 265 2.40 25.31 -16.81
C ALA A 265 3.38 24.21 -17.13
N VAL A 266 4.66 24.55 -17.15
CA VAL A 266 5.69 23.61 -17.56
C VAL A 266 6.63 23.30 -16.41
N THR A 267 6.55 22.07 -15.92
CA THR A 267 7.40 21.61 -14.83
C THR A 267 8.76 21.14 -15.33
N MSE A 268 9.77 21.31 -14.47
CA MSE A 268 11.15 20.98 -14.83
C MSE A 268 11.84 20.24 -13.71
O MSE A 268 13.03 20.46 -13.45
CB MSE A 268 11.89 22.29 -15.12
CG MSE A 268 11.19 23.09 -16.23
SE MSE A 268 12.23 24.74 -16.44
CE MSE A 268 11.44 25.87 -15.04
N SER A 269 11.11 19.36 -13.04
CA SER A 269 11.65 18.52 -11.95
C SER A 269 12.38 19.39 -10.89
N GLU A 270 13.61 19.01 -10.54
CA GLU A 270 14.41 19.73 -9.53
C GLU A 270 14.65 21.21 -9.88
N ASN A 271 14.46 21.56 -11.15
CA ASN A 271 14.61 22.94 -11.62
C ASN A 271 13.32 23.78 -11.52
N GLY A 272 12.31 23.21 -10.86
CA GLY A 272 11.07 23.92 -10.57
C GLY A 272 10.09 23.94 -11.71
N ALA A 273 9.49 25.11 -11.93
CA ALA A 273 8.49 25.28 -12.99
C ALA A 273 8.53 26.68 -13.60
N VAL A 274 7.93 26.80 -14.78
CA VAL A 274 7.70 28.10 -15.41
C VAL A 274 6.27 28.15 -15.95
N ILE A 275 5.54 29.18 -15.50
CA ILE A 275 4.18 29.41 -15.97
C ILE A 275 4.25 30.47 -17.08
N LEU A 276 3.50 30.22 -18.16
CA LEU A 276 3.53 31.07 -19.36
C LEU A 276 2.13 31.52 -19.71
N LYS A 277 1.97 32.82 -19.97
CA LYS A 277 0.69 33.37 -20.39
C LYS A 277 1.01 34.47 -21.39
N GLY A 278 0.77 34.18 -22.67
CA GLY A 278 1.12 35.12 -23.74
C GLY A 278 2.62 35.31 -23.75
N ARG A 279 3.05 36.54 -23.46
CA ARG A 279 4.47 36.88 -23.37
C ARG A 279 5.01 36.88 -21.92
N GLU A 280 4.10 36.70 -20.95
CA GLU A 280 4.48 36.65 -19.54
C GLU A 280 5.12 35.30 -19.18
N ARG A 281 6.19 35.34 -18.39
CA ARG A 281 6.81 34.14 -17.84
C ARG A 281 7.01 34.30 -16.34
N TYR A 282 6.59 33.29 -15.56
CA TYR A 282 6.76 33.33 -14.11
C TYR A 282 7.51 32.09 -13.66
N TYR A 283 8.76 32.28 -13.23
CA TYR A 283 9.64 31.19 -12.83
C TYR A 283 9.55 30.90 -11.34
N VAL A 284 9.43 29.62 -11.00
CA VAL A 284 9.25 29.17 -9.63
C VAL A 284 10.26 28.08 -9.32
N ASN A 285 10.83 28.15 -8.11
CA ASN A 285 11.78 27.15 -7.60
C ASN A 285 11.11 25.90 -7.04
N ALA A 286 11.79 24.78 -7.17
CA ALA A 286 11.41 23.55 -6.48
C ALA A 286 11.76 23.68 -5.00
N ILE A 287 10.87 23.22 -4.13
CA ILE A 287 11.14 23.20 -2.69
C ILE A 287 12.32 22.28 -2.35
N ARG A 288 12.95 22.49 -1.20
CA ARG A 288 14.06 21.64 -0.78
C ARG A 288 13.55 20.24 -0.38
N ILE A 289 14.25 19.23 -0.85
CA ILE A 289 13.83 17.84 -0.69
C ILE A 289 14.82 17.10 0.21
N ARG A 290 14.28 16.37 1.19
CA ARG A 290 15.10 15.49 2.03
C ARG A 290 15.68 14.37 1.17
N GLU A 291 14.82 13.71 0.41
CA GLU A 291 15.20 12.56 -0.41
C GLU A 291 14.10 12.24 -1.40
N VAL A 292 14.50 11.97 -2.65
CA VAL A 292 13.56 11.52 -3.66
C VAL A 292 13.27 10.03 -3.42
N VAL A 293 12.16 9.76 -2.75
CA VAL A 293 11.74 8.41 -2.39
C VAL A 293 11.10 7.71 -3.59
N ASP A 294 10.16 8.41 -4.23
CA ASP A 294 9.35 7.87 -5.31
C ASP A 294 8.67 9.04 -6.00
N THR A 295 9.07 9.29 -7.26
CA THR A 295 8.52 10.40 -8.06
C THR A 295 7.09 10.23 -8.54
N THR A 296 6.49 9.06 -8.30
CA THR A 296 5.10 8.81 -8.71
C THR A 296 4.15 9.86 -8.15
N GLY A 297 3.45 10.56 -9.06
CA GLY A 297 2.47 11.55 -8.67
C GLY A 297 2.95 13.00 -8.70
N ALA A 298 4.21 13.24 -9.07
CA ALA A 298 4.81 14.58 -8.97
C ALA A 298 4.03 15.58 -9.83
N GLY A 299 3.86 15.22 -11.09
CA GLY A 299 3.12 16.04 -12.04
C GLY A 299 1.66 16.16 -11.63
N ASP A 300 1.09 15.05 -11.16
CA ASP A 300 -0.31 15.05 -10.75
C ASP A 300 -0.56 16.07 -9.65
N LEU A 301 0.32 16.07 -8.65
CA LEU A 301 0.17 16.94 -7.49
C LEU A 301 0.59 18.38 -7.75
N PHE A 302 1.54 18.58 -8.65
CA PHE A 302 1.79 19.94 -9.18
C PHE A 302 0.50 20.61 -9.69
N ALA A 303 -0.27 19.84 -10.47
CA ALA A 303 -1.56 20.30 -10.98
C ALA A 303 -2.56 20.51 -9.85
N SER A 304 -2.51 19.65 -8.83
CA SER A 304 -3.37 19.90 -7.68
C SER A 304 -3.11 21.30 -7.08
N GLY A 305 -1.84 21.59 -6.84
CA GLY A 305 -1.44 22.82 -6.17
C GLY A 305 -1.80 23.97 -7.09
N PHE A 306 -1.42 23.84 -8.35
CA PHE A 306 -1.69 24.89 -9.36
C PHE A 306 -3.16 25.23 -9.50
N LEU A 307 -3.98 24.20 -9.68
CA LEU A 307 -5.40 24.39 -9.91
C LEU A 307 -6.15 24.87 -8.68
N TYR A 308 -5.63 24.54 -7.48
CA TYR A 308 -6.18 25.03 -6.22
C TYR A 308 -5.96 26.54 -6.14
N GLY A 309 -4.69 26.95 -6.23
CA GLY A 309 -4.39 28.38 -6.30
C GLY A 309 -5.23 29.08 -7.38
N TYR A 310 -5.23 28.53 -8.59
CA TYR A 310 -5.95 29.12 -9.74
C TYR A 310 -7.44 29.37 -9.46
N THR A 311 -8.08 28.38 -8.86
CA THR A 311 -9.50 28.49 -8.57
C THR A 311 -9.76 29.35 -7.34
N GLN A 312 -8.69 29.73 -6.64
CA GLN A 312 -8.84 30.58 -5.45
C GLN A 312 -8.52 32.04 -5.78
N GLY A 313 -8.27 32.30 -7.06
CA GLY A 313 -7.96 33.65 -7.54
C GLY A 313 -6.53 34.09 -7.31
N ARG A 314 -5.67 33.15 -6.93
CA ARG A 314 -4.26 33.47 -6.71
C ARG A 314 -3.55 33.80 -8.03
N SER A 315 -2.43 34.51 -7.93
CA SER A 315 -1.62 34.88 -9.08
C SER A 315 -0.99 33.63 -9.68
N LEU A 316 -0.63 33.70 -10.96
CA LEU A 316 0.03 32.57 -11.63
C LEU A 316 1.31 32.11 -10.92
N GLU A 317 2.05 33.05 -10.34
CA GLU A 317 3.28 32.72 -9.63
C GLU A 317 2.98 31.87 -8.40
N ASP A 318 1.99 32.30 -7.62
CA ASP A 318 1.57 31.63 -6.38
C ASP A 318 0.93 30.26 -6.69
N CYS A 319 0.31 30.15 -7.86
CA CYS A 319 -0.21 28.87 -8.36
C CYS A 319 0.95 27.90 -8.59
N GLY A 320 1.99 28.39 -9.27
CA GLY A 320 3.25 27.67 -9.44
C GLY A 320 3.80 27.20 -8.11
N LYS A 321 3.85 28.13 -7.14
CA LYS A 321 4.42 27.85 -5.83
C LYS A 321 3.65 26.74 -5.10
N LEU A 322 2.33 26.82 -5.16
CA LEU A 322 1.47 25.81 -4.54
C LEU A 322 1.67 24.45 -5.23
N GLY A 323 1.77 24.47 -6.56
CA GLY A 323 2.14 23.27 -7.33
C GLY A 323 3.45 22.64 -6.90
N CYS A 324 4.50 23.44 -6.86
CA CYS A 324 5.82 22.92 -6.46
C CYS A 324 5.84 22.36 -5.04
N LEU A 325 5.07 22.96 -4.16
CA LEU A 325 4.94 22.52 -2.79
C LEU A 325 4.27 21.14 -2.72
N ALA A 326 3.09 21.02 -3.34
CA ALA A 326 2.38 19.73 -3.39
C ALA A 326 3.21 18.64 -4.08
N ALA A 327 3.78 19.00 -5.23
CA ALA A 327 4.74 18.09 -5.89
C ALA A 327 5.91 17.64 -4.99
N GLY A 328 6.56 18.58 -4.31
CA GLY A 328 7.70 18.28 -3.45
C GLY A 328 7.39 17.36 -2.29
N ILE A 329 6.19 17.48 -1.75
CA ILE A 329 5.72 16.61 -0.64
C ILE A 329 5.48 15.19 -1.16
N VAL A 330 4.82 15.06 -2.30
CA VAL A 330 4.44 13.73 -2.79
C VAL A 330 5.64 12.85 -3.12
N ILE A 331 6.73 13.44 -3.60
CA ILE A 331 7.90 12.67 -4.03
C ILE A 331 8.77 12.15 -2.87
N GLN A 332 8.45 12.59 -1.66
CA GLN A 332 9.18 12.17 -0.45
C GLN A 332 8.48 11.02 0.27
N GLN A 333 7.51 10.40 -0.40
CA GLN A 333 6.75 9.28 0.17
C GLN A 333 6.49 8.21 -0.90
N ILE A 334 6.16 7.01 -0.45
CA ILE A 334 5.69 5.94 -1.33
C ILE A 334 4.19 6.15 -1.56
N GLY A 335 3.73 6.00 -2.79
CA GLY A 335 2.31 6.19 -3.10
C GLY A 335 2.07 7.56 -3.74
N PRO A 336 1.06 7.64 -4.60
CA PRO A 336 0.86 8.83 -5.44
C PRO A 336 0.01 9.94 -4.82
N ARG A 337 -0.51 9.68 -3.62
CA ARG A 337 -1.39 10.64 -2.97
C ARG A 337 -0.85 10.94 -1.59
N PRO A 338 -0.57 12.22 -1.31
CA PRO A 338 0.02 12.63 -0.04
C PRO A 338 -0.80 12.16 1.17
N MSE A 339 -0.10 11.59 2.14
CA MSE A 339 -0.74 10.98 3.31
C MSE A 339 -0.82 11.99 4.42
O MSE A 339 -1.48 11.76 5.45
CB MSE A 339 0.13 9.81 3.68
CG MSE A 339 0.10 8.81 2.54
SE MSE A 339 1.02 7.18 3.12
CE MSE A 339 2.82 7.58 2.43
N THR A 340 -0.12 13.12 4.20
CA THR A 340 -0.09 14.25 5.14
C THR A 340 -0.96 15.40 4.63
N SER A 341 -1.26 16.34 5.52
CA SER A 341 -2.13 17.48 5.17
C SER A 341 -1.41 18.51 4.33
N LEU A 342 -1.85 18.62 3.07
CA LEU A 342 -1.33 19.62 2.15
C LEU A 342 -1.71 21.01 2.60
N SER A 343 -2.95 21.17 3.07
CA SER A 343 -3.43 22.50 3.48
C SER A 343 -2.58 23.03 4.64
N GLU A 344 -2.24 22.15 5.57
CA GLU A 344 -1.37 22.49 6.71
C GLU A 344 0.03 22.85 6.23
N ALA A 345 0.55 22.07 5.27
CA ALA A 345 1.85 22.35 4.66
C ALA A 345 1.86 23.75 4.01
N ALA A 346 0.78 24.07 3.29
CA ALA A 346 0.64 25.37 2.62
C ALA A 346 0.48 26.52 3.61
N LYS A 347 -0.17 26.25 4.73
CA LYS A 347 -0.32 27.25 5.79
C LYS A 347 1.03 27.54 6.43
N GLN A 348 1.78 26.47 6.71
CA GLN A 348 3.14 26.57 7.23
C GLN A 348 4.08 27.23 6.22
N ALA A 349 3.85 26.95 4.93
CA ALA A 349 4.70 27.45 3.85
C ALA A 349 4.55 28.95 3.57
N GLY A 350 3.52 29.57 4.16
CA GLY A 350 3.24 30.99 3.92
C GLY A 350 2.50 31.24 2.62
N LEU A 351 1.93 30.18 2.06
CA LEU A 351 1.17 30.22 0.83
C LEU A 351 -0.33 30.25 1.13
N ILE A 352 -0.67 29.89 2.37
CA ILE A 352 -2.03 29.85 2.92
C ILE A 352 -2.92 28.84 2.20
N MSE B 23 19.15 -33.50 5.69
CA MSE B 23 18.80 -32.30 4.86
C MSE B 23 17.29 -32.14 4.70
O MSE B 23 16.59 -33.02 4.18
CB MSE B 23 19.60 -32.46 3.56
CG MSE B 23 19.10 -31.61 2.41
SE MSE B 23 20.55 -31.49 1.06
CE MSE B 23 21.11 -29.67 1.57
N THR B 24 16.76 -31.01 5.17
CA THR B 24 15.29 -30.81 5.21
C THR B 24 14.76 -29.64 4.38
N ARG B 25 13.59 -29.83 3.80
CA ARG B 25 13.01 -28.87 2.87
C ARG B 25 12.85 -27.47 3.46
N PHE B 26 12.33 -27.39 4.69
CA PHE B 26 12.01 -26.10 5.29
C PHE B 26 12.61 -25.90 6.67
N ASP B 27 13.03 -24.66 6.90
CA ASP B 27 13.41 -24.24 8.22
C ASP B 27 12.16 -23.94 9.04
N VAL B 28 11.29 -23.08 8.51
CA VAL B 28 10.12 -22.64 9.25
C VAL B 28 8.84 -22.72 8.41
N LEU B 29 7.87 -23.45 8.94
CA LEU B 29 6.50 -23.43 8.47
C LEU B 29 5.66 -22.63 9.47
N THR B 30 4.95 -21.61 8.97
CA THR B 30 4.01 -20.92 9.79
C THR B 30 2.58 -21.19 9.30
N VAL B 31 1.63 -21.13 10.23
CA VAL B 31 0.21 -21.33 9.94
C VAL B 31 -0.55 -20.19 10.58
N GLY B 32 -1.39 -19.54 9.76
CA GLY B 32 -2.16 -18.41 10.29
C GLY B 32 -3.39 -18.01 9.49
N ASN B 33 -4.10 -17.02 9.98
CA ASN B 33 -5.17 -16.34 9.25
C ASN B 33 -4.59 -15.53 8.10
N ALA B 34 -4.94 -15.88 6.87
CA ALA B 34 -4.40 -15.17 5.70
C ALA B 34 -5.20 -13.87 5.52
N ILE B 35 -4.52 -12.73 5.64
CA ILE B 35 -5.17 -11.41 5.73
C ILE B 35 -4.47 -10.36 4.88
N VAL B 36 -5.27 -9.52 4.24
CA VAL B 36 -4.74 -8.31 3.60
C VAL B 36 -5.10 -7.12 4.50
N ASP B 37 -4.11 -6.30 4.81
CA ASP B 37 -4.25 -5.13 5.66
C ASP B 37 -4.69 -3.97 4.80
N ILE B 38 -5.55 -3.15 5.40
CA ILE B 38 -6.02 -1.87 4.85
C ILE B 38 -5.61 -0.85 5.92
N ILE B 39 -4.63 -0.01 5.59
CA ILE B 39 -3.95 0.81 6.59
C ILE B 39 -4.25 2.30 6.44
N SER B 40 -4.61 2.95 7.55
CA SER B 40 -4.82 4.41 7.54
C SER B 40 -4.37 5.01 8.87
N ARG B 41 -4.01 6.29 8.84
CA ARG B 41 -3.62 7.02 10.03
C ARG B 41 -4.87 7.68 10.63
N CYS B 42 -5.01 7.68 11.95
CA CYS B 42 -6.12 8.39 12.62
C CYS B 42 -5.67 9.12 13.89
N ASN B 43 -6.53 10.01 14.40
CA ASN B 43 -6.34 10.58 15.75
C ASN B 43 -6.91 9.64 16.82
N ASP B 44 -6.61 9.85 18.10
CA ASP B 44 -7.11 8.89 19.11
C ASP B 44 -8.61 9.06 19.34
N GLN B 45 -9.14 10.23 19.01
CA GLN B 45 -10.58 10.45 19.10
C GLN B 45 -11.32 9.51 18.15
N PHE B 46 -10.70 9.15 17.03
CA PHE B 46 -11.34 8.24 16.11
C PHE B 46 -11.60 6.88 16.79
N LEU B 47 -10.60 6.40 17.53
CA LEU B 47 -10.72 5.15 18.25
C LEU B 47 -11.84 5.21 19.28
N ILE B 48 -11.87 6.27 20.08
CA ILE B 48 -12.89 6.47 21.09
C ILE B 48 -14.29 6.56 20.45
N ASP B 49 -14.42 7.39 19.41
CA ASP B 49 -15.71 7.53 18.76
C ASP B 49 -16.26 6.22 18.20
N ASN B 50 -15.36 5.38 17.71
CA ASN B 50 -15.73 4.10 17.12
C ASN B 50 -15.63 2.87 18.01
N GLN B 51 -15.34 3.10 19.30
CA GLN B 51 -15.25 2.01 20.29
C GLN B 51 -14.33 0.88 19.86
N ILE B 52 -13.22 1.27 19.24
CA ILE B 52 -12.13 0.39 18.82
C ILE B 52 -11.13 0.27 19.95
N THR B 53 -10.88 -0.94 20.44
CA THR B 53 -9.93 -1.12 21.53
C THR B 53 -8.49 -0.87 21.02
N LYS B 54 -7.82 0.15 21.58
CA LYS B 54 -6.53 0.59 21.06
C LYS B 54 -5.43 -0.47 21.28
N ALA B 55 -4.59 -0.66 20.26
CA ALA B 55 -3.45 -1.59 20.32
C ALA B 55 -3.85 -3.06 20.24
N ALA B 56 -5.14 -3.32 20.05
CA ALA B 56 -5.68 -4.68 20.09
C ALA B 56 -6.17 -5.16 18.72
N MSE B 57 -6.37 -6.47 18.60
CA MSE B 57 -7.04 -7.07 17.47
C MSE B 57 -8.51 -7.16 17.79
O MSE B 57 -8.92 -7.90 18.70
CB MSE B 57 -6.39 -8.44 17.22
CG MSE B 57 -6.62 -8.94 15.82
SE MSE B 57 -8.47 -9.57 15.63
CE MSE B 57 -8.36 -11.11 16.85
N ASN B 58 -9.32 -6.38 17.08
CA ASN B 58 -10.76 -6.32 17.26
C ASN B 58 -11.45 -7.12 16.16
N LEU B 59 -12.06 -8.26 16.51
CA LEU B 59 -12.88 -9.00 15.54
C LEU B 59 -14.16 -8.25 15.17
N ILE B 60 -14.48 -8.32 13.88
CA ILE B 60 -15.68 -7.63 13.37
C ILE B 60 -16.41 -8.48 12.32
N ASP B 61 -17.73 -8.37 12.27
CA ASP B 61 -18.53 -9.00 11.22
C ASP B 61 -18.58 -8.17 9.94
N ALA B 62 -19.25 -8.70 8.92
CA ALA B 62 -19.27 -8.10 7.59
C ALA B 62 -19.92 -6.72 7.64
N GLU B 63 -21.00 -6.59 8.43
CA GLU B 63 -21.71 -5.29 8.56
C GLU B 63 -20.85 -4.21 9.22
N ARG B 64 -20.14 -4.56 10.29
CA ARG B 64 -19.23 -3.62 10.93
C ARG B 64 -18.04 -3.25 10.05
N ALA B 65 -17.60 -4.19 9.22
CA ALA B 65 -16.48 -3.94 8.29
C ALA B 65 -16.86 -2.82 7.31
N GLU B 66 -18.07 -2.93 6.74
CA GLU B 66 -18.60 -1.91 5.83
C GLU B 66 -18.71 -0.57 6.55
N LEU B 67 -19.22 -0.59 7.78
CA LEU B 67 -19.39 0.63 8.57
C LEU B 67 -18.03 1.30 8.78
N LEU B 68 -17.06 0.54 9.30
CA LEU B 68 -15.74 1.12 9.59
C LEU B 68 -15.03 1.67 8.34
N TYR B 69 -15.20 1.00 7.21
CA TYR B 69 -14.50 1.34 5.99
C TYR B 69 -15.08 2.66 5.49
N SER B 70 -16.37 2.82 5.71
CA SER B 70 -17.11 4.03 5.29
C SER B 70 -16.57 5.25 6.03
N ARG B 71 -16.03 5.01 7.22
CA ARG B 71 -15.52 6.06 8.10
C ARG B 71 -14.01 6.25 8.00
N MSE B 72 -13.34 5.29 7.37
CA MSE B 72 -11.88 5.27 7.27
C MSE B 72 -11.46 6.20 6.18
O MSE B 72 -12.11 6.28 5.13
CB MSE B 72 -11.48 3.86 6.86
CG MSE B 72 -9.97 3.74 6.86
SE MSE B 72 -9.56 1.86 6.56
CE MSE B 72 -8.07 1.81 7.84
N GLY B 73 -10.33 6.88 6.41
CA GLY B 73 -9.74 7.75 5.41
C GLY B 73 -9.11 6.97 4.27
N PRO B 74 -8.51 7.68 3.30
CA PRO B 74 -7.81 7.04 2.19
C PRO B 74 -6.74 6.11 2.76
N ALA B 75 -6.62 4.94 2.17
CA ALA B 75 -5.83 3.85 2.79
C ALA B 75 -4.79 3.25 1.82
N LEU B 76 -3.89 2.44 2.37
CA LEU B 76 -2.95 1.67 1.58
C LEU B 76 -3.24 0.22 1.90
N GLU B 77 -3.06 -0.66 0.93
CA GLU B 77 -3.22 -2.10 1.16
C GLU B 77 -1.88 -2.81 1.10
N ALA B 78 -1.74 -3.81 1.98
CA ALA B 78 -0.49 -4.56 2.05
C ALA B 78 -0.83 -5.91 2.63
N SER B 79 -0.21 -6.95 2.07
CA SER B 79 -0.44 -8.30 2.59
C SER B 79 -0.06 -8.39 4.06
N GLY B 80 -0.93 -9.03 4.86
CA GLY B 80 -0.70 -9.15 6.31
C GLY B 80 -0.82 -10.59 6.83
N GLY B 81 -1.49 -10.75 7.96
CA GLY B 81 -1.55 -12.05 8.65
C GLY B 81 -0.30 -12.20 9.50
N SER B 82 -0.49 -12.39 10.80
CA SER B 82 0.66 -12.45 11.70
CA SER B 82 0.66 -12.45 11.73
C SER B 82 1.69 -13.50 11.24
N ALA B 83 1.25 -14.74 11.11
CA ALA B 83 2.11 -15.84 10.60
C ALA B 83 2.62 -15.66 9.16
N GLY B 84 1.81 -15.05 8.30
CA GLY B 84 2.24 -14.73 6.93
C GLY B 84 3.45 -13.80 6.97
N ASN B 85 3.34 -12.73 7.75
CA ASN B 85 4.44 -11.79 7.99
C ASN B 85 5.66 -12.50 8.53
N THR B 86 5.43 -13.42 9.46
CA THR B 86 6.55 -14.15 10.04
C THR B 86 7.28 -15.02 9.00
N ALA B 87 6.52 -15.78 8.18
CA ALA B 87 7.11 -16.54 7.08
C ALA B 87 7.91 -15.61 6.13
N ALA B 88 7.29 -14.51 5.73
CA ALA B 88 7.95 -13.56 4.85
C ALA B 88 9.27 -13.09 5.44
N GLY B 89 9.31 -12.87 6.76
CA GLY B 89 10.50 -12.38 7.43
C GLY B 89 11.62 -13.39 7.48
N VAL B 90 11.26 -14.65 7.72
CA VAL B 90 12.21 -15.75 7.60
C VAL B 90 12.84 -15.85 6.21
N ALA B 91 12.02 -15.79 5.16
CA ALA B 91 12.49 -15.78 3.77
C ALA B 91 13.43 -14.60 3.46
N ASN B 92 13.00 -13.38 3.75
CA ASN B 92 13.85 -12.18 3.65
C ASN B 92 15.24 -12.40 4.28
N LEU B 93 15.27 -12.90 5.52
CA LEU B 93 16.52 -13.22 6.22
C LEU B 93 17.43 -14.27 5.53
N GLY B 94 16.84 -15.12 4.69
CA GLY B 94 17.58 -16.14 3.97
C GLY B 94 17.20 -17.56 4.34
N GLY B 95 16.27 -17.72 5.26
CA GLY B 95 15.80 -19.05 5.68
C GLY B 95 14.76 -19.63 4.75
N LYS B 96 14.50 -20.92 4.86
CA LYS B 96 13.56 -21.58 3.96
CA LYS B 96 13.57 -21.58 3.95
C LYS B 96 12.20 -21.69 4.61
N ALA B 97 11.22 -20.92 4.10
CA ALA B 97 9.89 -20.85 4.73
C ALA B 97 8.74 -21.46 3.95
N ALA B 98 7.68 -21.81 4.65
CA ALA B 98 6.44 -22.31 4.10
C ALA B 98 5.28 -21.71 4.90
N TYR B 99 4.10 -21.66 4.29
CA TYR B 99 2.92 -21.05 4.92
C TYR B 99 1.63 -21.80 4.59
N PHE B 100 0.78 -22.00 5.60
CA PHE B 100 -0.59 -22.52 5.45
C PHE B 100 -1.57 -21.42 5.86
N GLY B 101 -2.50 -21.10 4.97
CA GLY B 101 -3.51 -20.08 5.28
C GLY B 101 -4.48 -19.97 4.10
N ASN B 102 -5.76 -19.78 4.41
CA ASN B 102 -6.78 -19.83 3.37
C ASN B 102 -7.29 -18.46 2.97
N VAL B 103 -7.19 -18.16 1.67
CA VAL B 103 -7.80 -16.95 1.09
C VAL B 103 -8.98 -17.38 0.20
N ALA B 104 -9.73 -16.40 -0.32
CA ALA B 104 -10.74 -16.71 -1.33
C ALA B 104 -10.21 -16.54 -2.76
N ALA B 105 -10.97 -17.05 -3.72
CA ALA B 105 -10.66 -16.89 -5.14
C ALA B 105 -11.17 -15.49 -5.58
N ASP B 106 -10.47 -14.48 -5.11
CA ASP B 106 -10.82 -13.07 -5.42
C ASP B 106 -9.55 -12.23 -5.56
N GLN B 107 -9.69 -10.94 -5.84
CA GLN B 107 -8.52 -10.11 -6.08
C GLN B 107 -7.63 -9.92 -4.84
N LEU B 108 -8.25 -9.85 -3.66
CA LEU B 108 -7.48 -9.73 -2.41
C LEU B 108 -6.72 -11.02 -2.16
N GLY B 109 -7.38 -12.13 -2.49
CA GLY B 109 -6.72 -13.45 -2.40
C GLY B 109 -5.52 -13.56 -3.33
N ASP B 110 -5.68 -13.02 -4.54
CA ASP B 110 -4.60 -13.00 -5.53
C ASP B 110 -3.42 -12.14 -5.06
N ILE B 111 -3.71 -11.00 -4.43
CA ILE B 111 -2.66 -10.15 -3.86
C ILE B 111 -1.89 -10.88 -2.76
N PHE B 112 -2.65 -11.49 -1.85
CA PHE B 112 -2.04 -12.22 -0.76
C PHE B 112 -1.14 -13.30 -1.34
N THR B 113 -1.69 -14.08 -2.26
CA THR B 113 -0.94 -15.19 -2.88
C THR B 113 0.34 -14.70 -3.56
N HIS B 114 0.22 -13.62 -4.33
CA HIS B 114 1.39 -13.06 -4.98
C HIS B 114 2.49 -12.67 -4.01
N ASP B 115 2.14 -11.88 -3.00
CA ASP B 115 3.14 -11.26 -2.12
C ASP B 115 3.94 -12.29 -1.33
N ILE B 116 3.25 -13.26 -0.77
CA ILE B 116 3.93 -14.31 0.03
C ILE B 116 4.83 -15.20 -0.85
N ARG B 117 4.33 -15.63 -2.01
CA ARG B 117 5.12 -16.42 -2.97
C ARG B 117 6.31 -15.64 -3.55
N ALA B 118 6.10 -14.35 -3.83
CA ALA B 118 7.16 -13.52 -4.39
C ALA B 118 8.31 -13.28 -3.40
N GLN B 119 8.02 -13.37 -2.11
CA GLN B 119 9.07 -13.32 -1.08
C GLN B 119 9.86 -14.66 -0.99
N GLY B 120 9.38 -15.70 -1.68
CA GLY B 120 10.09 -17.00 -1.77
C GLY B 120 9.64 -18.03 -0.76
N VAL B 121 8.44 -17.80 -0.22
CA VAL B 121 7.76 -18.70 0.71
C VAL B 121 6.92 -19.69 -0.07
N HIS B 122 7.06 -20.97 0.26
CA HIS B 122 6.17 -22.02 -0.25
C HIS B 122 4.76 -21.74 0.26
N TYR B 123 3.81 -21.56 -0.65
CA TYR B 123 2.41 -21.32 -0.33
C TYR B 123 1.54 -22.02 -1.36
N GLN B 124 0.84 -23.08 -0.93
CA GLN B 124 0.10 -23.94 -1.85
CA GLN B 124 0.09 -23.93 -1.86
C GLN B 124 -1.37 -24.16 -1.46
N THR B 125 -1.81 -23.52 -0.37
CA THR B 125 -3.19 -23.62 0.11
C THR B 125 -4.16 -23.13 -0.98
N LYS B 126 -5.10 -24.00 -1.35
CA LYS B 126 -6.04 -23.71 -2.44
C LYS B 126 -7.30 -22.98 -1.94
N PRO B 127 -7.72 -21.90 -2.63
CA PRO B 127 -9.00 -21.30 -2.27
C PRO B 127 -10.16 -22.28 -2.47
N LYS B 128 -11.22 -22.11 -1.69
CA LYS B 128 -12.37 -23.02 -1.75
C LYS B 128 -13.55 -22.44 -2.51
N GLY B 129 -13.45 -21.15 -2.84
CA GLY B 129 -14.51 -20.43 -3.53
C GLY B 129 -14.31 -18.94 -3.35
N ALA B 130 -15.30 -18.14 -3.78
CA ALA B 130 -15.22 -16.68 -3.67
C ALA B 130 -15.87 -16.11 -2.41
N PHE B 131 -16.78 -16.86 -1.80
CA PHE B 131 -17.43 -16.46 -0.55
C PHE B 131 -17.30 -17.55 0.52
N PRO B 132 -16.93 -17.17 1.76
CA PRO B 132 -16.65 -15.80 2.21
C PRO B 132 -15.42 -15.23 1.48
N PRO B 133 -15.37 -13.90 1.32
CA PRO B 133 -14.23 -13.31 0.64
C PRO B 133 -12.97 -13.35 1.52
N THR B 134 -11.84 -13.02 0.91
CA THR B 134 -10.54 -12.99 1.58
C THR B 134 -10.56 -12.07 2.81
N ALA B 135 -10.06 -12.58 3.92
CA ALA B 135 -9.94 -11.79 5.13
C ALA B 135 -9.23 -10.44 4.90
N ARG B 136 -9.72 -9.43 5.60
CA ARG B 136 -9.05 -8.14 5.65
C ARG B 136 -9.10 -7.53 7.06
N SER B 137 -8.09 -6.71 7.36
CA SER B 137 -8.00 -6.00 8.62
C SER B 137 -7.79 -4.52 8.38
N MSE B 138 -8.75 -3.72 8.84
CA MSE B 138 -8.56 -2.28 8.85
C MSE B 138 -7.73 -1.92 10.04
O MSE B 138 -8.17 -2.04 11.20
CB MSE B 138 -9.93 -1.62 8.83
CG MSE B 138 -10.47 -1.77 7.40
SE MSE B 138 -12.32 -1.13 7.45
CE MSE B 138 -13.09 -2.80 8.17
N ILE B 139 -6.52 -1.47 9.76
CA ILE B 139 -5.55 -1.10 10.79
C ILE B 139 -5.43 0.42 10.86
N PHE B 140 -5.73 0.95 12.03
CA PHE B 140 -5.65 2.39 12.28
C PHE B 140 -4.40 2.69 13.09
N VAL B 141 -3.54 3.54 12.53
CA VAL B 141 -2.28 3.88 13.18
C VAL B 141 -2.39 5.28 13.77
N THR B 142 -2.20 5.38 15.09
CA THR B 142 -2.27 6.66 15.80
C THR B 142 -0.91 7.34 15.80
N GLU B 143 -0.88 8.62 16.17
CA GLU B 143 0.32 9.46 16.09
C GLU B 143 1.51 8.89 16.86
N ASP B 144 1.21 8.14 17.92
CA ASP B 144 2.23 7.46 18.72
C ASP B 144 2.82 6.22 18.04
N GLY B 145 2.32 5.89 16.85
CA GLY B 145 2.80 4.74 16.08
C GLY B 145 2.11 3.44 16.44
N GLU B 146 1.27 3.46 17.46
CA GLU B 146 0.49 2.29 17.83
C GLU B 146 -0.54 1.90 16.76
N ARG B 147 -0.84 0.60 16.66
CA ARG B 147 -1.79 0.11 15.65
CA ARG B 147 -1.76 0.10 15.64
C ARG B 147 -2.97 -0.61 16.27
N SER B 148 -4.15 -0.30 15.75
CA SER B 148 -5.38 -0.90 16.28
C SER B 148 -6.09 -1.58 15.13
N MSE B 149 -6.23 -2.90 15.23
CA MSE B 149 -6.68 -3.70 14.08
C MSE B 149 -8.10 -4.14 14.19
O MSE B 149 -8.59 -4.52 15.28
CB MSE B 149 -5.80 -4.94 13.92
CG MSE B 149 -4.35 -4.53 14.11
SE MSE B 149 -3.21 -5.99 13.48
CE MSE B 149 -3.51 -7.26 14.97
N ASN B 150 -8.77 -4.12 13.05
CA ASN B 150 -10.19 -4.46 12.96
C ASN B 150 -10.42 -5.48 11.86
N THR B 151 -10.56 -6.75 12.29
CA THR B 151 -10.40 -7.88 11.40
C THR B 151 -11.68 -8.65 11.09
N TYR B 152 -12.02 -8.67 9.80
CA TYR B 152 -13.08 -9.53 9.30
C TYR B 152 -12.41 -10.79 8.74
N LEU B 153 -12.68 -11.92 9.39
CA LEU B 153 -11.95 -13.16 9.08
C LEU B 153 -12.26 -13.81 7.73
N GLY B 154 -13.44 -13.53 7.17
CA GLY B 154 -13.78 -14.03 5.83
C GLY B 154 -13.42 -15.49 5.59
N ALA B 155 -12.65 -15.73 4.53
CA ALA B 155 -12.28 -17.07 4.09
C ALA B 155 -11.42 -17.84 5.10
N CYS B 156 -10.84 -17.13 6.07
CA CYS B 156 -10.07 -17.75 7.18
C CYS B 156 -10.86 -18.82 7.95
N VAL B 157 -12.19 -18.64 8.03
CA VAL B 157 -13.05 -19.60 8.77
C VAL B 157 -13.08 -20.98 8.12
N GLU B 158 -12.59 -21.07 6.87
CA GLU B 158 -12.58 -22.35 6.13
C GLU B 158 -11.31 -23.20 6.26
N LEU B 159 -10.30 -22.69 6.95
CA LEU B 159 -9.05 -23.42 7.15
C LEU B 159 -9.30 -24.59 8.09
N GLY B 160 -8.90 -25.78 7.66
CA GLY B 160 -9.11 -26.99 8.44
C GLY B 160 -8.02 -27.99 8.15
N PRO B 161 -8.15 -29.21 8.71
CA PRO B 161 -7.20 -30.32 8.50
C PRO B 161 -6.93 -30.61 7.03
N GLU B 162 -7.92 -30.35 6.17
CA GLU B 162 -7.79 -30.61 4.74
C GLU B 162 -6.69 -29.76 4.08
N ASP B 163 -6.20 -28.77 4.82
CA ASP B 163 -5.20 -27.85 4.34
C ASP B 163 -3.82 -28.15 4.91
N VAL B 164 -3.69 -29.25 5.63
CA VAL B 164 -2.40 -29.63 6.19
C VAL B 164 -1.68 -30.40 5.11
N GLU B 165 -0.53 -29.90 4.71
CA GLU B 165 0.31 -30.58 3.72
C GLU B 165 1.29 -31.35 4.58
N ALA B 166 0.96 -32.62 4.81
CA ALA B 166 1.68 -33.44 5.77
C ALA B 166 3.17 -33.48 5.48
N ASP B 167 3.54 -33.66 4.19
CA ASP B 167 4.95 -33.69 3.79
C ASP B 167 5.68 -32.37 4.16
N VAL B 168 4.95 -31.27 4.20
CA VAL B 168 5.62 -30.03 4.60
C VAL B 168 5.95 -29.94 6.10
N VAL B 169 4.98 -30.23 6.96
CA VAL B 169 5.18 -30.33 8.41
C VAL B 169 6.30 -31.34 8.75
N ALA B 170 6.17 -32.53 8.19
CA ALA B 170 7.22 -33.56 8.28
C ALA B 170 8.63 -33.06 7.89
N ASP B 171 8.70 -32.09 6.97
CA ASP B 171 9.98 -31.63 6.42
C ASP B 171 10.42 -30.24 6.91
N ALA B 172 9.77 -29.73 7.95
CA ALA B 172 10.09 -28.41 8.51
C ALA B 172 10.66 -28.44 9.93
N LYS B 173 11.79 -27.77 10.14
CA LYS B 173 12.46 -27.76 11.43
C LYS B 173 11.52 -27.26 12.50
N VAL B 174 10.82 -26.14 12.23
CA VAL B 174 9.85 -25.57 13.16
C VAL B 174 8.52 -25.32 12.43
N THR B 175 7.43 -25.82 13.00
CA THR B 175 6.09 -25.35 12.62
C THR B 175 5.56 -24.37 13.68
N TYR B 176 5.28 -23.14 13.24
CA TYR B 176 4.88 -22.02 14.12
C TYR B 176 3.45 -21.60 13.78
N PHE B 177 2.64 -21.33 14.80
CA PHE B 177 1.23 -20.96 14.58
C PHE B 177 0.73 -19.85 15.50
N GLU B 178 -0.31 -19.13 15.05
CA GLU B 178 -0.92 -18.07 15.84
C GLU B 178 -2.00 -18.52 16.80
N GLY B 179 -1.96 -17.96 18.01
CA GLY B 179 -3.08 -18.04 18.92
C GLY B 179 -4.38 -17.53 18.30
N TYR B 180 -4.24 -16.55 17.40
CA TYR B 180 -5.36 -16.06 16.60
C TYR B 180 -6.19 -17.15 15.90
N LEU B 181 -5.57 -18.30 15.59
CA LEU B 181 -6.28 -19.44 14.98
C LEU B 181 -7.37 -20.09 15.84
N TRP B 182 -7.41 -19.78 17.14
CA TRP B 182 -8.49 -20.29 17.98
C TRP B 182 -9.84 -19.59 17.75
N ASP B 183 -9.82 -18.43 17.08
CA ASP B 183 -11.07 -17.76 16.73
C ASP B 183 -11.89 -18.46 15.63
N PRO B 184 -11.28 -18.79 14.46
CA PRO B 184 -12.07 -19.52 13.47
C PRO B 184 -12.33 -20.95 13.95
N PRO B 185 -13.37 -21.60 13.43
CA PRO B 185 -13.88 -22.81 14.08
C PRO B 185 -13.00 -24.07 14.01
N ARG B 186 -12.36 -24.31 12.87
CA ARG B 186 -11.73 -25.61 12.61
CA ARG B 186 -11.73 -25.60 12.59
C ARG B 186 -10.22 -25.56 12.47
N ALA B 187 -9.64 -24.36 12.52
CA ALA B 187 -8.20 -24.22 12.39
C ALA B 187 -7.43 -25.02 13.48
N LYS B 188 -7.96 -25.06 14.69
CA LYS B 188 -7.33 -25.75 15.80
C LYS B 188 -7.10 -27.23 15.48
N GLU B 189 -8.00 -27.81 14.68
CA GLU B 189 -7.90 -29.22 14.26
C GLU B 189 -6.73 -29.41 13.32
N ALA B 190 -6.52 -28.46 12.39
CA ALA B 190 -5.33 -28.45 11.56
C ALA B 190 -4.07 -28.42 12.44
N ILE B 191 -4.08 -27.59 13.48
CA ILE B 191 -2.92 -27.39 14.32
C ILE B 191 -2.56 -28.63 15.12
N LEU B 192 -3.56 -29.29 15.69
CA LEU B 192 -3.34 -30.59 16.39
C LEU B 192 -2.76 -31.64 15.45
N ASP B 193 -3.24 -31.63 14.20
CA ASP B 193 -2.68 -32.49 13.17
C ASP B 193 -1.20 -32.13 12.90
N CYS B 194 -0.91 -30.84 12.75
CA CYS B 194 0.46 -30.35 12.64
C CYS B 194 1.35 -30.81 13.80
N ALA B 195 0.84 -30.68 15.03
CA ALA B 195 1.60 -30.97 16.25
C ALA B 195 2.10 -32.40 16.20
N ARG B 196 1.19 -33.28 15.80
CA ARG B 196 1.38 -34.74 15.82
C ARG B 196 2.40 -35.20 14.78
N ILE B 197 2.25 -34.66 13.56
CA ILE B 197 3.16 -34.92 12.46
C ILE B 197 4.58 -34.40 12.77
N ALA B 198 4.66 -33.15 13.23
CA ALA B 198 5.91 -32.50 13.62
C ALA B 198 6.68 -33.33 14.63
N HIS B 199 6.00 -33.69 15.72
CA HIS B 199 6.64 -34.45 16.80
C HIS B 199 7.00 -35.88 16.41
N GLN B 200 6.15 -36.53 15.63
CA GLN B 200 6.50 -37.83 15.06
C GLN B 200 7.73 -37.80 14.12
N HIS B 201 8.01 -36.61 13.56
CA HIS B 201 9.17 -36.43 12.70
C HIS B 201 10.33 -35.77 13.43
N GLY B 202 10.17 -35.69 14.75
CA GLY B 202 11.15 -35.06 15.65
C GLY B 202 11.39 -33.56 15.50
N ARG B 203 10.42 -32.84 14.94
CA ARG B 203 10.55 -31.39 14.73
C ARG B 203 9.99 -30.73 15.98
N GLU B 204 10.01 -29.41 16.03
CA GLU B 204 9.41 -28.69 17.14
C GLU B 204 8.26 -27.77 16.68
N MSE B 205 7.38 -27.46 17.61
CA MSE B 205 6.19 -26.71 17.41
C MSE B 205 6.33 -25.44 18.18
O MSE B 205 6.85 -25.43 19.30
CB MSE B 205 5.01 -27.48 18.01
CG MSE B 205 4.63 -28.74 17.22
SE MSE B 205 3.91 -28.21 15.46
CE MSE B 205 2.38 -27.17 16.15
N SER B 206 5.86 -24.34 17.59
CA SER B 206 5.97 -23.04 18.20
C SER B 206 4.65 -22.29 18.05
N MSE B 207 4.34 -21.44 19.03
CA MSE B 207 3.15 -20.60 18.95
C MSE B 207 3.41 -19.20 19.46
O MSE B 207 4.30 -18.95 20.27
CB MSE B 207 1.96 -21.23 19.66
CG MSE B 207 1.86 -20.85 21.13
SE MSE B 207 0.15 -21.53 21.80
CE MSE B 207 -0.99 -20.25 20.80
N THR B 208 2.64 -18.25 18.93
CA THR B 208 2.58 -16.99 19.56
C THR B 208 1.24 -16.83 20.26
N LEU B 209 1.24 -16.14 21.40
CA LEU B 209 0.02 -15.82 22.12
C LEU B 209 -0.84 -14.74 21.40
N SER B 210 -0.22 -14.02 20.47
CA SER B 210 -0.91 -13.14 19.48
C SER B 210 -1.42 -11.80 20.00
N ASP B 211 -2.23 -11.82 21.05
CA ASP B 211 -2.96 -10.63 21.53
C ASP B 211 -3.52 -10.90 22.93
N SER B 212 -3.46 -9.91 23.83
CA SER B 212 -3.89 -10.12 25.25
C SER B 212 -5.37 -10.54 25.42
N PHE B 213 -6.23 -10.06 24.52
CA PHE B 213 -7.63 -10.46 24.54
C PHE B 213 -7.82 -11.85 23.95
N CYS B 214 -7.05 -12.15 22.91
CA CYS B 214 -7.01 -13.50 22.37
C CYS B 214 -6.64 -14.44 23.51
N VAL B 215 -5.65 -14.06 24.30
CA VAL B 215 -5.26 -14.90 25.48
C VAL B 215 -6.40 -15.06 26.47
N ASP B 216 -7.09 -13.95 26.75
CA ASP B 216 -8.27 -13.89 27.62
C ASP B 216 -9.28 -14.94 27.16
N ARG B 217 -9.50 -14.99 25.83
CA ARG B 217 -10.52 -15.88 25.25
C ARG B 217 -10.11 -17.35 25.34
N TYR B 218 -8.81 -17.62 25.24
CA TYR B 218 -8.35 -19.03 25.08
C TYR B 218 -7.29 -19.48 26.09
N ARG B 219 -7.25 -18.80 27.23
CA ARG B 219 -6.24 -19.01 28.26
C ARG B 219 -5.99 -20.50 28.63
N GLY B 220 -7.07 -21.21 28.98
CA GLY B 220 -6.98 -22.63 29.38
C GLY B 220 -6.43 -23.49 28.26
N GLU B 221 -6.82 -23.20 27.03
CA GLU B 221 -6.44 -24.00 25.89
C GLU B 221 -4.97 -23.80 25.55
N PHE B 222 -4.51 -22.56 25.62
CA PHE B 222 -3.12 -22.23 25.36
C PHE B 222 -2.19 -22.89 26.38
N LEU B 223 -2.55 -22.77 27.65
CA LEU B 223 -1.80 -23.42 28.74
C LEU B 223 -1.72 -24.94 28.54
N ASP B 224 -2.83 -25.55 28.12
CA ASP B 224 -2.90 -26.98 27.83
C ASP B 224 -1.94 -27.40 26.70
N LEU B 225 -1.88 -26.60 25.65
CA LEU B 225 -0.97 -26.82 24.54
C LEU B 225 0.49 -26.85 25.03
N MSE B 226 0.82 -25.92 25.92
CA MSE B 226 2.18 -25.78 26.44
C MSE B 226 2.49 -26.94 27.36
O MSE B 226 3.51 -27.63 27.19
CB MSE B 226 2.28 -24.47 27.22
CG MSE B 226 2.46 -23.31 26.23
SE MSE B 226 1.95 -21.61 27.12
CE MSE B 226 3.67 -21.09 27.92
N ARG B 227 1.61 -27.16 28.32
CA ARG B 227 1.82 -28.21 29.36
C ARG B 227 1.82 -29.67 28.84
N SER B 228 1.05 -29.96 27.79
CA SER B 228 1.01 -31.31 27.17
C SER B 228 2.20 -31.68 26.24
N GLY B 229 2.98 -30.66 25.90
CA GLY B 229 4.14 -30.82 25.02
C GLY B 229 3.81 -30.64 23.54
N LYS B 230 2.60 -30.20 23.23
CA LYS B 230 2.21 -29.90 21.84
C LYS B 230 2.83 -28.59 21.34
N VAL B 231 3.19 -27.69 22.25
CA VAL B 231 3.93 -26.47 21.89
C VAL B 231 5.29 -26.48 22.61
N ASP B 232 6.37 -26.34 21.84
CA ASP B 232 7.74 -26.37 22.40
C ASP B 232 8.34 -25.01 22.67
N ILE B 233 8.04 -24.03 21.83
CA ILE B 233 8.59 -22.68 21.98
C ILE B 233 7.43 -21.71 21.89
N VAL B 234 7.37 -20.77 22.84
CA VAL B 234 6.23 -19.84 22.95
CA VAL B 234 6.23 -19.84 22.90
C VAL B 234 6.72 -18.40 22.81
N PHE B 235 6.01 -17.59 21.99
CA PHE B 235 6.28 -16.17 21.90
C PHE B 235 5.17 -15.38 22.57
N ALA B 236 5.57 -14.35 23.32
CA ALA B 236 4.64 -13.51 24.07
C ALA B 236 5.25 -12.12 24.19
N ASN B 237 4.41 -11.09 24.15
CA ASN B 237 4.86 -9.78 24.61
C ASN B 237 4.43 -9.61 26.07
N ARG B 238 4.80 -8.50 26.69
CA ARG B 238 4.54 -8.31 28.12
C ARG B 238 3.05 -8.40 28.46
N GLN B 239 2.22 -7.73 27.66
CA GLN B 239 0.77 -7.75 27.83
C GLN B 239 0.20 -9.18 27.78
N GLU B 240 0.64 -9.95 26.79
CA GLU B 240 0.17 -11.32 26.58
C GLU B 240 0.56 -12.21 27.76
N ALA B 241 1.78 -12.02 28.25
CA ALA B 241 2.30 -12.81 29.38
C ALA B 241 1.53 -12.48 30.65
N LEU B 242 1.35 -11.18 30.91
CA LEU B 242 0.56 -10.72 32.06
C LEU B 242 -0.86 -11.26 32.00
N SER B 243 -1.44 -11.30 30.80
N SER B 243 -1.45 -11.33 30.81
CA SER B 243 -2.79 -11.81 30.60
CA SER B 243 -2.80 -11.82 30.65
C SER B 243 -2.85 -13.33 30.80
C SER B 243 -2.89 -13.35 30.72
N LEU B 244 -1.84 -14.04 30.30
CA LEU B 244 -1.82 -15.49 30.38
C LEU B 244 -1.98 -15.94 31.84
N TYR B 245 -1.32 -15.22 32.76
CA TYR B 245 -1.38 -15.55 34.18
C TYR B 245 -2.20 -14.55 35.02
N GLN B 246 -2.96 -13.69 34.33
CA GLN B 246 -3.87 -12.72 34.95
C GLN B 246 -3.23 -12.07 36.17
N THR B 247 -2.04 -11.52 35.94
CA THR B 247 -1.21 -10.97 36.99
C THR B 247 -0.72 -9.61 36.52
N ASP B 248 -0.44 -8.72 37.48
CA ASP B 248 0.25 -7.47 37.19
C ASP B 248 1.73 -7.56 37.57
N ASP B 249 2.14 -8.75 38.02
CA ASP B 249 3.53 -9.01 38.37
C ASP B 249 4.24 -9.69 37.19
N PHE B 250 5.00 -8.91 36.45
CA PHE B 250 5.77 -9.42 35.30
C PHE B 250 6.80 -10.50 35.69
N GLU B 251 7.41 -10.35 36.86
CA GLU B 251 8.33 -11.38 37.35
C GLU B 251 7.64 -12.73 37.57
N GLU B 252 6.43 -12.68 38.12
CA GLU B 252 5.59 -13.88 38.24
C GLU B 252 5.32 -14.48 36.87
N ALA B 253 4.91 -13.64 35.91
CA ALA B 253 4.66 -14.10 34.55
C ALA B 253 5.87 -14.81 33.93
N LEU B 254 7.07 -14.26 34.13
CA LEU B 254 8.28 -14.84 33.56
C LEU B 254 8.60 -16.21 34.17
N ASN B 255 8.49 -16.34 35.49
CA ASN B 255 8.75 -17.62 36.16
C ASN B 255 7.73 -18.68 35.73
N ARG B 256 6.47 -18.29 35.64
CA ARG B 256 5.40 -19.21 35.25
C ARG B 256 5.54 -19.67 33.80
N ILE B 257 5.77 -18.76 32.87
CA ILE B 257 5.95 -19.13 31.46
C ILE B 257 7.15 -20.06 31.24
N ALA B 258 8.24 -19.83 31.96
CA ALA B 258 9.42 -20.71 31.94
C ALA B 258 9.07 -22.13 32.39
N ALA B 259 8.15 -22.23 33.35
CA ALA B 259 7.75 -23.51 33.92
C ALA B 259 6.78 -24.25 32.99
N ASP B 260 6.13 -23.50 32.11
CA ASP B 260 5.06 -24.05 31.29
C ASP B 260 5.46 -24.51 29.89
N CYS B 261 6.61 -24.02 29.39
CA CYS B 261 7.08 -24.43 28.07
CA CYS B 261 7.08 -24.31 28.03
C CYS B 261 8.59 -24.57 28.05
N LYS B 262 9.10 -25.29 27.05
CA LYS B 262 10.54 -25.58 26.97
C LYS B 262 11.37 -24.31 26.74
N ILE B 263 10.92 -23.46 25.81
CA ILE B 263 11.56 -22.19 25.54
C ILE B 263 10.48 -21.12 25.41
N ALA B 264 10.68 -20.00 26.07
CA ALA B 264 9.78 -18.86 25.94
C ALA B 264 10.58 -17.66 25.50
N ALA B 265 10.07 -16.95 24.48
CA ALA B 265 10.69 -15.70 24.07
C ALA B 265 9.69 -14.61 24.39
N VAL B 266 10.08 -13.68 25.28
CA VAL B 266 9.17 -12.65 25.78
C VAL B 266 9.65 -11.25 25.41
N THR B 267 8.89 -10.57 24.57
CA THR B 267 9.29 -9.24 24.12
C THR B 267 8.73 -8.16 25.05
N MSE B 268 9.45 -7.04 25.13
CA MSE B 268 9.05 -5.94 26.01
C MSE B 268 9.22 -4.62 25.29
O MSE B 268 9.72 -3.66 25.86
CB MSE B 268 9.90 -5.97 27.29
CG MSE B 268 9.75 -7.31 27.98
SE MSE B 268 11.26 -7.54 29.21
CE MSE B 268 12.82 -7.26 28.05
N SER B 269 8.80 -4.59 24.02
CA SER B 269 8.85 -3.37 23.20
C SER B 269 10.22 -2.69 23.22
N GLU B 270 10.27 -1.40 23.56
CA GLU B 270 11.52 -0.63 23.58
C GLU B 270 12.51 -1.12 24.64
N ASN B 271 12.04 -1.94 25.58
CA ASN B 271 12.90 -2.54 26.60
C ASN B 271 13.53 -3.87 26.19
N GLY B 272 13.28 -4.27 24.94
CA GLY B 272 13.96 -5.42 24.34
C GLY B 272 13.24 -6.72 24.61
N ALA B 273 14.01 -7.76 24.94
CA ALA B 273 13.45 -9.10 25.09
C ALA B 273 14.20 -9.89 26.14
N VAL B 274 13.52 -10.92 26.65
CA VAL B 274 14.16 -11.92 27.50
C VAL B 274 13.78 -13.29 26.98
N ILE B 275 14.79 -14.13 26.78
CA ILE B 275 14.58 -15.49 26.32
C ILE B 275 14.76 -16.38 27.52
N LEU B 276 13.85 -17.32 27.71
CA LEU B 276 13.88 -18.22 28.88
C LEU B 276 13.92 -19.69 28.48
N LYS B 277 14.77 -20.44 29.17
CA LYS B 277 14.84 -21.89 28.98
C LYS B 277 15.18 -22.51 30.32
N GLY B 278 14.19 -23.15 30.92
CA GLY B 278 14.36 -23.77 32.23
C GLY B 278 14.65 -22.68 33.24
N ARG B 279 15.87 -22.68 33.77
CA ARG B 279 16.29 -21.66 34.73
C ARG B 279 17.15 -20.59 34.08
N GLU B 280 17.50 -20.79 32.80
CA GLU B 280 18.31 -19.82 32.05
C GLU B 280 17.44 -18.64 31.60
N ARG B 281 17.99 -17.42 31.74
CA ARG B 281 17.40 -16.22 31.14
C ARG B 281 18.44 -15.53 30.29
N TYR B 282 18.05 -15.10 29.10
CA TYR B 282 18.92 -14.35 28.22
C TYR B 282 18.26 -13.05 27.80
N TYR B 283 18.80 -11.94 28.29
CA TYR B 283 18.26 -10.61 28.03
C TYR B 283 18.93 -9.96 26.84
N VAL B 284 18.12 -9.38 25.97
CA VAL B 284 18.57 -8.72 24.74
C VAL B 284 18.00 -7.30 24.70
N ASN B 285 18.84 -6.33 24.33
CA ASN B 285 18.42 -4.94 24.15
C ASN B 285 17.65 -4.72 22.84
N ALA B 286 16.76 -3.72 22.85
CA ALA B 286 16.10 -3.28 21.63
C ALA B 286 16.98 -2.25 20.93
N ILE B 287 16.96 -2.25 19.61
CA ILE B 287 17.73 -1.26 18.85
C ILE B 287 17.16 0.13 19.14
N ARG B 288 18.01 1.14 19.07
CA ARG B 288 17.58 2.51 19.34
C ARG B 288 16.96 3.11 18.08
N ILE B 289 15.70 3.54 18.20
CA ILE B 289 14.88 3.93 17.06
C ILE B 289 14.96 5.43 16.79
N ARG B 290 15.03 5.78 15.50
CA ARG B 290 14.92 7.18 15.06
C ARG B 290 13.52 7.70 15.39
N GLU B 291 12.50 7.01 14.87
CA GLU B 291 11.10 7.36 15.08
C GLU B 291 10.23 6.13 14.88
N VAL B 292 9.27 5.93 15.78
CA VAL B 292 8.30 4.85 15.61
C VAL B 292 7.24 5.28 14.59
N VAL B 293 7.27 4.64 13.43
CA VAL B 293 6.34 4.95 12.35
C VAL B 293 5.03 4.19 12.55
N ASP B 294 5.13 2.86 12.68
CA ASP B 294 3.96 2.02 12.73
C ASP B 294 4.41 0.69 13.34
N THR B 295 3.88 0.37 14.52
CA THR B 295 4.29 -0.84 15.25
C THR B 295 3.79 -2.15 14.63
N THR B 296 2.93 -2.05 13.62
CA THR B 296 2.35 -3.22 12.94
C THR B 296 3.42 -4.20 12.49
N GLY B 297 3.33 -5.45 12.98
CA GLY B 297 4.28 -6.50 12.63
C GLY B 297 5.51 -6.68 13.53
N ALA B 298 5.61 -5.90 14.61
CA ALA B 298 6.82 -5.94 15.45
C ALA B 298 7.00 -7.34 16.02
N GLY B 299 5.94 -7.88 16.60
CA GLY B 299 6.00 -9.23 17.20
C GLY B 299 6.23 -10.28 16.15
N ASP B 300 5.54 -10.16 15.02
CA ASP B 300 5.69 -11.10 13.91
C ASP B 300 7.13 -11.21 13.45
N LEU B 301 7.79 -10.08 13.27
CA LEU B 301 9.14 -10.03 12.77
C LEU B 301 10.19 -10.40 13.83
N PHE B 302 9.90 -10.11 15.09
CA PHE B 302 10.70 -10.69 16.19
C PHE B 302 10.77 -12.23 16.04
N ALA B 303 9.63 -12.85 15.80
CA ALA B 303 9.56 -14.30 15.57
C ALA B 303 10.34 -14.68 14.33
N SER B 304 10.29 -13.85 13.27
CA SER B 304 11.06 -14.15 12.09
C SER B 304 12.55 -14.28 12.40
N GLY B 305 13.10 -13.31 13.12
CA GLY B 305 14.53 -13.24 13.41
C GLY B 305 14.91 -14.36 14.37
N PHE B 306 14.08 -14.53 15.40
CA PHE B 306 14.32 -15.59 16.40
C PHE B 306 14.35 -16.98 15.76
N LEU B 307 13.31 -17.26 14.97
CA LEU B 307 13.18 -18.57 14.34
C LEU B 307 14.24 -18.80 13.25
N TYR B 308 14.63 -17.74 12.54
CA TYR B 308 15.75 -17.84 11.60
C TYR B 308 17.01 -18.22 12.36
N GLY B 309 17.33 -17.46 13.40
CA GLY B 309 18.51 -17.77 14.20
C GLY B 309 18.43 -19.18 14.78
N TYR B 310 17.25 -19.54 15.30
CA TYR B 310 17.03 -20.84 15.93
C TYR B 310 17.29 -22.02 14.98
N THR B 311 16.85 -21.89 13.74
CA THR B 311 16.97 -22.99 12.80
C THR B 311 18.34 -23.03 12.12
N GLN B 312 19.15 -22.02 12.42
CA GLN B 312 20.51 -21.92 11.89
C GLN B 312 21.50 -22.40 12.94
N GLY B 313 20.98 -22.74 14.12
CA GLY B 313 21.77 -23.29 15.22
C GLY B 313 22.44 -22.23 16.09
N ARG B 314 21.91 -21.02 16.04
CA ARG B 314 22.46 -19.91 16.81
C ARG B 314 22.08 -20.02 18.29
N SER B 315 22.84 -19.34 19.15
CA SER B 315 22.58 -19.25 20.58
C SER B 315 21.23 -18.58 20.83
N LEU B 316 20.60 -18.91 21.95
CA LEU B 316 19.30 -18.28 22.28
C LEU B 316 19.42 -16.75 22.37
N GLU B 317 20.59 -16.26 22.78
CA GLU B 317 20.83 -14.80 22.82
C GLU B 317 20.86 -14.22 21.41
N ASP B 318 21.58 -14.89 20.52
CA ASP B 318 21.71 -14.46 19.11
C ASP B 318 20.40 -14.51 18.36
N CYS B 319 19.55 -15.48 18.72
CA CYS B 319 18.19 -15.53 18.18
C CYS B 319 17.44 -14.30 18.65
N GLY B 320 17.55 -13.99 19.94
CA GLY B 320 16.97 -12.76 20.51
C GLY B 320 17.43 -11.52 19.76
N LYS B 321 18.74 -11.42 19.52
CA LYS B 321 19.31 -10.28 18.82
C LYS B 321 18.74 -10.12 17.42
N LEU B 322 18.64 -11.24 16.70
CA LEU B 322 18.11 -11.23 15.34
C LEU B 322 16.64 -10.82 15.34
N GLY B 323 15.90 -11.31 16.33
CA GLY B 323 14.51 -10.92 16.54
C GLY B 323 14.36 -9.43 16.75
N CYS B 324 15.15 -8.88 17.66
CA CYS B 324 15.08 -7.45 17.94
C CYS B 324 15.48 -6.60 16.71
N LEU B 325 16.41 -7.11 15.93
CA LEU B 325 16.87 -6.43 14.73
C LEU B 325 15.73 -6.37 13.72
N ALA B 326 15.12 -7.52 13.42
CA ALA B 326 14.00 -7.54 12.45
C ALA B 326 12.81 -6.71 12.95
N ALA B 327 12.42 -6.91 14.21
CA ALA B 327 11.37 -6.08 14.82
C ALA B 327 11.66 -4.55 14.71
N GLY B 328 12.88 -4.15 15.07
CA GLY B 328 13.31 -2.74 15.01
C GLY B 328 13.15 -2.13 13.63
N ILE B 329 13.48 -2.90 12.60
CA ILE B 329 13.36 -2.46 11.19
C ILE B 329 11.90 -2.27 10.77
N VAL B 330 11.06 -3.27 11.04
CA VAL B 330 9.67 -3.23 10.60
C VAL B 330 8.87 -2.06 11.20
N ILE B 331 9.22 -1.61 12.41
CA ILE B 331 8.46 -0.51 13.06
C ILE B 331 8.83 0.91 12.56
N GLN B 332 9.85 0.98 11.69
CA GLN B 332 10.29 2.24 11.10
C GLN B 332 9.76 2.44 9.68
N GLN B 333 8.77 1.62 9.30
CA GLN B 333 8.10 1.74 8.00
C GLN B 333 6.60 1.51 8.15
N ILE B 334 5.86 1.94 7.13
CA ILE B 334 4.45 1.61 6.96
C ILE B 334 4.35 0.24 6.31
N GLY B 335 3.48 -0.60 6.86
CA GLY B 335 3.33 -1.96 6.33
C GLY B 335 4.01 -2.99 7.21
N PRO B 336 3.41 -4.20 7.29
CA PRO B 336 3.85 -5.23 8.24
C PRO B 336 5.05 -6.08 7.77
N ARG B 337 5.46 -5.92 6.52
CA ARG B 337 6.56 -6.73 6.00
C ARG B 337 7.66 -5.84 5.49
N PRO B 338 8.87 -5.98 6.06
CA PRO B 338 10.03 -5.16 5.71
C PRO B 338 10.25 -5.08 4.21
N MSE B 339 10.39 -3.87 3.70
CA MSE B 339 10.57 -3.63 2.28
C MSE B 339 12.03 -3.57 1.93
O MSE B 339 12.41 -3.47 0.75
CB MSE B 339 9.89 -2.30 1.98
CG MSE B 339 8.38 -2.47 2.15
SE MSE B 339 7.54 -0.76 1.65
CE MSE B 339 7.89 0.25 3.31
N THR B 340 12.87 -3.63 2.98
CA THR B 340 14.32 -3.66 2.85
C THR B 340 14.88 -5.06 3.10
N SER B 341 16.18 -5.23 2.85
CA SER B 341 16.80 -6.54 3.03
C SER B 341 17.19 -6.82 4.46
N LEU B 342 16.49 -7.78 5.06
CA LEU B 342 16.82 -8.21 6.42
C LEU B 342 18.18 -8.87 6.49
N SER B 343 18.48 -9.72 5.50
CA SER B 343 19.76 -10.46 5.50
C SER B 343 20.93 -9.47 5.45
N GLU B 344 20.76 -8.40 4.66
CA GLU B 344 21.79 -7.37 4.56
C GLU B 344 21.93 -6.63 5.88
N ALA B 345 20.79 -6.28 6.50
CA ALA B 345 20.78 -5.63 7.79
C ALA B 345 21.51 -6.49 8.83
N ALA B 346 21.23 -7.80 8.79
CA ALA B 346 21.85 -8.78 9.71
C ALA B 346 23.36 -8.93 9.48
N LYS B 347 23.79 -8.78 8.23
CA LYS B 347 25.22 -8.86 7.87
C LYS B 347 25.95 -7.61 8.39
N GLN B 348 25.32 -6.46 8.22
CA GLN B 348 25.86 -5.21 8.70
C GLN B 348 25.99 -5.22 10.23
N ALA B 349 25.08 -5.92 10.90
CA ALA B 349 24.97 -5.93 12.34
C ALA B 349 25.87 -7.01 12.95
N GLY B 350 26.61 -7.70 12.08
CA GLY B 350 27.50 -8.80 12.50
C GLY B 350 26.80 -10.06 13.00
N LEU B 351 25.48 -10.13 12.79
CA LEU B 351 24.68 -11.27 13.19
C LEU B 351 24.71 -12.36 12.12
N ILE B 352 25.00 -11.91 10.89
CA ILE B 352 25.27 -12.75 9.72
C ILE B 352 24.04 -13.49 9.19
O5' ADN C . 1.25 10.01 -12.37
C5' ADN C . 1.37 8.82 -11.57
C4' ADN C . 0.08 8.03 -11.69
O4' ADN C . -0.10 7.67 -13.06
C3' ADN C . 0.07 6.69 -10.95
O3' ADN C . -0.64 6.83 -9.72
C2' ADN C . -0.67 5.76 -11.89
O2' ADN C . -1.85 5.22 -11.35
C1' ADN C . -1.10 6.68 -13.04
N9 ADN C . -1.21 6.03 -14.35
C8 ADN C . -0.47 5.03 -14.86
N7 ADN C . -0.86 4.68 -16.11
C5 ADN C . -1.88 5.50 -16.43
C6 ADN C . -2.77 5.67 -17.59
N6 ADN C . -2.62 4.92 -18.71
N1 ADN C . -3.72 6.64 -17.50
C2 ADN C . -3.88 7.40 -16.40
N3 ADN C . -3.12 7.32 -15.30
C4 ADN C . -2.11 6.38 -15.27
O8 E34 D . -7.34 -11.28 -15.32
C4 E34 D . -7.64 -10.37 -16.08
O7 E34 D . -6.75 -9.21 -16.19
C11 E34 D . -5.81 -8.84 -15.20
C13 E34 D . -4.53 -8.56 -15.92
C1 E34 D . -8.89 -10.39 -16.91
C3 E34 D . -9.07 -9.44 -17.93
C6 E34 D . -10.21 -9.43 -18.71
C9 E34 D . -11.22 -10.38 -18.49
N12 E34 D . -12.32 -10.35 -19.27
C5 E34 D . -11.04 -11.34 -17.49
N10 E34 D . -12.00 -12.26 -17.26
C2 E34 D . -9.90 -11.35 -16.70
S DMS E . -1.71 -8.12 -12.48
O DMS E . -2.62 -7.35 -13.35
C1 DMS E . -2.19 -7.87 -10.86
C2 DMS E . -2.07 -9.77 -12.70
K K F . 5.23 9.32 -4.35
O5' ADN G . 0.83 -8.37 13.69
C5' ADN G . 0.31 -7.46 12.69
C4' ADN G . -0.50 -8.26 11.68
O4' ADN G . -1.59 -8.90 12.35
C3' ADN G . -1.17 -7.43 10.58
O3' ADN G . -0.41 -7.57 9.38
C2' ADN G . -2.55 -8.06 10.43
O2' ADN G . -2.83 -8.52 9.13
C1' ADN G . -2.50 -9.29 11.33
N9 ADN G . -3.81 -9.66 11.90
C8 ADN G . -4.84 -8.87 12.25
N7 ADN G . -5.87 -9.60 12.74
C5 ADN G . -5.49 -10.90 12.73
C6 ADN G . -6.08 -12.21 13.10
N6 ADN G . -7.31 -12.27 13.63
N1 ADN G . -5.31 -13.32 12.90
C2 ADN G . -4.07 -13.27 12.38
N3 ADN G . -3.46 -12.11 12.03
C4 ADN G . -4.12 -10.94 12.17
S DMS H . -14.25 -3.68 4.33
O DMS H . -14.33 -5.15 4.47
C1 DMS H . -13.02 -3.34 3.20
C2 DMS H . -15.67 -3.13 3.55
S DMS I . -17.12 -8.28 3.07
O DMS I . -17.75 -7.21 2.27
C1 DMS I . -16.81 -7.69 4.64
C2 DMS I . -18.29 -9.49 3.37
K K J . 5.23 -1.40 10.26
#